data_9UZI
#
_entry.id   9UZI
#
_cell.length_a   37.514
_cell.length_b   80.108
_cell.length_c   115.756
_cell.angle_alpha   90.00
_cell.angle_beta   93.41
_cell.angle_gamma   90.00
#
_symmetry.space_group_name_H-M   'P 1 21 1'
#
loop_
_entity.id
_entity.type
_entity.pdbx_description
1 polymer 'RNA-directed RNA polymerase L'
2 polymer 'mAb 2E9 Fab heavy chain'
3 polymer 'mAb 2E9 Fab light chain'
4 non-polymer 'MANGANESE (II) ION'
5 non-polymer 'Baloxavir acid'
6 water water
#
loop_
_entity_poly.entity_id
_entity_poly.type
_entity_poly.pdbx_seq_one_letter_code
_entity_poly.pdbx_strand_id
1 'polypeptide(L)'
;GPLGSKKPIALICAELYKPFQDLFAALPKDCSEECQTLFEDIRNSESHASAWSSALRIKGVAYEGFFSLTNSWRYIPEDL
KPTLGMAIQTVFPDKFEKFLERTHLHPEYRDFTPDYLMCRSRIFKSDRLNRSNVAVSRGKDKGGKKKETTVNKDQDDDAQ
SAVLLSHKKRFPMPEIAVQEVSSVSAVVDRFKSKSSEKGRPIRQEESRPKTESMQEDIEVDELLIVEVGYQTDIEGKVIS
DIEKWKGVVNLMSHLGIKVNVLTCADNSQTPRTDWWIDEKYVRLLLNSISYLFKELLENS
;
A
2 'polypeptide(L)'
;EVKLEESGGGLVRPGGSRKLSCAASGFTFSSYGMQWVRQAPEKGLEWVAYISSGSRTIYYADTVKGRFTISRDNPKNTLF
LQMTSLRSEDTAMYYCATGYGGTWFAYWGQGTLVTVSAASTKGPSVFPLAPSSKSTSGGTAALGCLVKDYFPEPVTVSWN
SGALTSGVHTFPAVLQSSGLYSLSSVVTVPSSSLGTQTYICNVNHKPSNTKVDKKVEPKSCDKTHHHHHH
;
H
3 'polypeptide(L)'
;QIVLSQSPLSLPVSLGDQASISCRSSQSLLHSNGNTYLHWYLQKPGQSPKLLIYKVSNRFSGVPDRFSGSGSGTDFTLKI
SRVEAEDLGVYFCSQSTHVPYTFGGGTKLEIKRTVAAPSVFIFPPSDEQLKSGTASVVCLLNNFYPREAKVQWKVDNALQ
SGNSQESVTEQDSKDSTYSLSSTLTLSKADYEKHKVYACEVTHQGLSSPVTKSFNRGEC
;
L
#
loop_
_chem_comp.id
_chem_comp.type
_chem_comp.name
_chem_comp.formula
E4Z non-polymer 'Baloxavir acid' 'C24 H19 F2 N3 O4 S'
MN non-polymer 'MANGANESE (II) ION' 'Mn 2'
#
# COMPACT_ATOMS: atom_id res chain seq x y z
N LYS A 6 -54.95 -41.01 14.60
CA LYS A 6 -56.02 -40.87 15.62
C LYS A 6 -56.81 -39.61 15.32
N LYS A 7 -56.11 -38.49 15.25
CA LYS A 7 -56.78 -37.21 14.94
C LYS A 7 -56.89 -37.07 13.44
N PRO A 8 -58.05 -36.70 12.90
CA PRO A 8 -58.13 -36.41 11.47
C PRO A 8 -57.35 -35.10 11.27
N ILE A 9 -56.89 -34.84 10.05
CA ILE A 9 -56.03 -33.63 9.84
C ILE A 9 -56.88 -32.38 9.99
N ALA A 10 -58.04 -32.36 9.36
CA ALA A 10 -58.94 -31.20 9.53
C ALA A 10 -59.07 -30.96 11.02
N LEU A 11 -59.20 -32.02 11.81
CA LEU A 11 -59.27 -31.74 13.24
C LEU A 11 -57.96 -31.18 13.77
N ILE A 12 -56.83 -31.62 13.21
CA ILE A 12 -55.53 -31.12 13.66
C ILE A 12 -55.42 -29.62 13.42
N CYS A 13 -55.87 -29.15 12.26
CA CYS A 13 -55.88 -27.72 11.99
C CYS A 13 -56.79 -26.96 12.94
N ALA A 14 -57.86 -27.57 13.41
CA ALA A 14 -58.79 -26.80 14.26
C ALA A 14 -58.09 -26.51 15.58
N GLU A 15 -57.43 -27.51 16.14
CA GLU A 15 -56.77 -27.36 17.46
C GLU A 15 -55.77 -26.19 17.44
N LEU A 16 -55.01 -26.05 16.36
CA LEU A 16 -53.98 -24.99 16.27
C LEU A 16 -54.57 -23.77 15.55
N TYR A 17 -55.87 -23.53 15.73
CA TYR A 17 -56.50 -22.37 15.12
C TYR A 17 -55.89 -21.07 15.64
N LYS A 18 -55.65 -20.98 16.96
CA LYS A 18 -55.08 -19.75 17.52
C LYS A 18 -53.63 -19.55 17.06
N PRO A 19 -52.70 -20.49 17.30
CA PRO A 19 -51.32 -20.27 16.85
C PRO A 19 -51.22 -19.90 15.37
N PHE A 20 -52.07 -20.48 14.54
CA PHE A 20 -51.97 -20.20 13.09
C PHE A 20 -52.59 -18.82 12.82
N GLN A 21 -53.55 -18.42 13.65
CA GLN A 21 -54.17 -17.09 13.51
C GLN A 21 -53.11 -16.06 13.86
N ASP A 22 -52.40 -16.29 14.96
CA ASP A 22 -51.30 -15.42 15.33
C ASP A 22 -50.30 -15.31 14.18
N LEU A 23 -50.01 -16.44 13.52
CA LEU A 23 -49.04 -16.46 12.43
C LEU A 23 -49.49 -15.58 11.27
N PHE A 24 -50.72 -15.79 10.79
CA PHE A 24 -51.19 -15.02 9.64
C PHE A 24 -51.25 -13.53 9.93
N ALA A 25 -51.44 -13.15 11.20
CA ALA A 25 -51.60 -11.75 11.56
C ALA A 25 -50.26 -10.99 11.56
N ALA A 26 -49.14 -11.67 11.76
CA ALA A 26 -47.87 -10.97 11.79
C ALA A 26 -47.14 -10.99 10.47
N LEU A 27 -47.45 -11.94 9.59
CA LEU A 27 -46.80 -11.99 8.29
C LEU A 27 -47.15 -10.76 7.47
N PRO A 28 -46.27 -10.36 6.54
CA PRO A 28 -46.66 -9.34 5.56
C PRO A 28 -47.92 -9.73 4.81
N LYS A 29 -48.61 -8.74 4.22
CA LYS A 29 -49.94 -8.96 3.65
C LYS A 29 -49.93 -10.10 2.64
N ASP A 30 -49.12 -9.98 1.59
CA ASP A 30 -49.14 -10.97 0.52
C ASP A 30 -48.66 -12.34 1.01
N CYS A 31 -47.68 -12.34 1.92
CA CYS A 31 -47.26 -13.60 2.51
C CYS A 31 -48.37 -14.21 3.37
N SER A 32 -49.10 -13.36 4.11
CA SER A 32 -50.19 -13.83 4.96
C SER A 32 -51.26 -14.55 4.15
N GLU A 33 -51.71 -13.94 3.05
CA GLU A 33 -52.75 -14.56 2.24
C GLU A 33 -52.27 -15.87 1.61
N GLU A 34 -51.02 -15.92 1.18
CA GLU A 34 -50.52 -17.17 0.61
C GLU A 34 -50.50 -18.28 1.65
N CYS A 35 -50.08 -17.96 2.87
CA CYS A 35 -50.06 -18.98 3.92
C CYS A 35 -51.48 -19.38 4.30
N GLN A 36 -52.45 -18.49 4.10
CA GLN A 36 -53.84 -18.79 4.44
C GLN A 36 -54.50 -19.70 3.42
N THR A 37 -54.19 -19.52 2.14
CA THR A 37 -54.59 -20.50 1.14
C THR A 37 -53.97 -21.87 1.45
N LEU A 38 -52.65 -21.89 1.69
CA LEU A 38 -51.98 -23.16 1.96
C LEU A 38 -52.59 -23.86 3.16
N PHE A 39 -52.91 -23.10 4.21
CA PHE A 39 -53.50 -23.71 5.41
C PHE A 39 -54.80 -24.43 5.10
N GLU A 40 -55.64 -23.83 4.24
CA GLU A 40 -56.90 -24.48 3.90
C GLU A 40 -56.67 -25.74 3.09
N ASP A 41 -55.66 -25.74 2.21
CA ASP A 41 -55.29 -26.96 1.51
C ASP A 41 -54.92 -28.07 2.48
N ILE A 42 -54.30 -27.73 3.60
CA ILE A 42 -53.96 -28.75 4.59
C ILE A 42 -55.20 -29.25 5.30
N ARG A 43 -56.10 -28.33 5.69
CA ARG A 43 -57.35 -28.73 6.32
C ARG A 43 -58.17 -29.62 5.41
N ASN A 44 -58.18 -29.31 4.12
CA ASN A 44 -58.97 -30.04 3.11
C ASN A 44 -58.12 -31.06 2.36
N SER A 45 -57.14 -31.62 3.06
CA SER A 45 -56.21 -32.61 2.43
C SER A 45 -56.75 -34.03 2.59
N GLU A 46 -57.03 -34.70 1.49
CA GLU A 46 -57.47 -36.11 1.54
C GLU A 46 -56.29 -36.97 2.01
N SER A 47 -55.08 -36.77 1.48
CA SER A 47 -53.92 -37.64 1.82
C SER A 47 -52.95 -36.99 2.80
N HIS A 48 -52.21 -37.81 3.58
CA HIS A 48 -51.20 -37.30 4.53
C HIS A 48 -49.91 -36.90 3.78
N ALA A 49 -49.82 -37.20 2.50
CA ALA A 49 -48.67 -36.72 1.71
C ALA A 49 -49.04 -35.36 1.17
N SER A 50 -50.29 -35.17 0.79
CA SER A 50 -50.71 -33.82 0.42
C SER A 50 -50.47 -32.86 1.58
N ALA A 51 -50.94 -33.22 2.78
CA ALA A 51 -50.83 -32.33 3.93
C ALA A 51 -49.38 -31.99 4.22
N TRP A 52 -48.51 -33.01 4.19
CA TRP A 52 -47.09 -32.80 4.43
C TRP A 52 -46.50 -31.81 3.43
N SER A 53 -46.61 -32.13 2.13
CA SER A 53 -46.05 -31.25 1.11
C SER A 53 -46.60 -29.83 1.24
N SER A 54 -47.90 -29.70 1.52
CA SER A 54 -48.48 -28.38 1.72
C SER A 54 -47.88 -27.67 2.93
N ALA A 55 -47.66 -28.41 4.01
CA ALA A 55 -47.05 -27.82 5.19
C ALA A 55 -45.60 -27.43 4.95
N LEU A 56 -44.89 -28.18 4.10
CA LEU A 56 -43.53 -27.78 3.75
C LEU A 56 -43.51 -26.40 3.11
N ARG A 57 -44.50 -26.11 2.26
CA ARG A 57 -44.55 -24.82 1.62
C ARG A 57 -44.84 -23.72 2.64
N ILE A 58 -45.70 -23.99 3.63
CA ILE A 58 -46.00 -22.97 4.64
C ILE A 58 -44.74 -22.66 5.44
N LYS A 59 -43.96 -23.68 5.76
CA LYS A 59 -42.76 -23.47 6.55
C LYS A 59 -41.80 -22.52 5.86
N GLY A 60 -41.59 -22.69 4.55
CA GLY A 60 -40.69 -21.83 3.82
C GLY A 60 -41.25 -20.44 3.55
N VAL A 61 -42.51 -20.38 3.11
CA VAL A 61 -43.13 -19.12 2.74
C VAL A 61 -43.26 -18.21 3.96
N ALA A 62 -43.77 -18.75 5.07
CA ALA A 62 -43.87 -17.96 6.28
C ALA A 62 -42.50 -17.46 6.72
N TYR A 63 -41.52 -18.37 6.78
CA TYR A 63 -40.17 -17.97 7.21
C TYR A 63 -39.65 -16.82 6.37
N GLU A 64 -39.83 -16.89 5.05
CA GLU A 64 -39.40 -15.80 4.20
C GLU A 64 -40.11 -14.50 4.57
N GLY A 65 -41.40 -14.57 4.88
CA GLY A 65 -42.12 -13.38 5.27
C GLY A 65 -41.51 -12.71 6.47
N PHE A 66 -41.11 -13.50 7.46
CA PHE A 66 -40.47 -12.95 8.65
C PHE A 66 -39.04 -12.50 8.38
N PHE A 67 -38.34 -13.15 7.44
CA PHE A 67 -37.05 -12.65 7.03
C PHE A 67 -37.19 -11.25 6.44
N SER A 68 -38.19 -11.06 5.58
CA SER A 68 -38.46 -9.73 5.03
C SER A 68 -38.72 -8.73 6.14
N LEU A 69 -39.62 -9.07 7.06
CA LEU A 69 -39.94 -8.15 8.16
C LEU A 69 -38.71 -7.84 9.00
N THR A 70 -37.95 -8.87 9.37
CA THR A 70 -36.77 -8.67 10.19
C THR A 70 -35.81 -7.68 9.56
N ASN A 71 -35.64 -7.77 8.24
CA ASN A 71 -34.65 -6.96 7.54
C ASN A 71 -35.24 -5.72 6.89
N SER A 72 -36.55 -5.48 7.02
CA SER A 72 -37.20 -4.33 6.41
C SER A 72 -37.03 -4.35 4.89
N TRP A 73 -36.97 -5.55 4.32
CA TRP A 73 -37.03 -5.72 2.88
C TRP A 73 -38.47 -6.03 2.46
N ARG A 74 -38.73 -5.90 1.18
CA ARG A 74 -40.06 -6.18 0.64
C ARG A 74 -40.20 -7.68 0.41
N TYR A 75 -41.24 -8.27 0.98
CA TYR A 75 -41.56 -9.65 0.66
C TYR A 75 -42.09 -9.74 -0.76
N ILE A 76 -41.50 -10.63 -1.56
CA ILE A 76 -41.88 -10.81 -2.96
C ILE A 76 -42.41 -12.23 -3.17
N PRO A 77 -43.70 -12.38 -3.53
CA PRO A 77 -44.19 -13.71 -3.89
C PRO A 77 -43.33 -14.31 -5.00
N GLU A 78 -43.17 -15.63 -5.00
CA GLU A 78 -42.29 -16.28 -6.01
C GLU A 78 -42.68 -15.85 -7.42
N ASP A 79 -43.98 -15.71 -7.66
CA ASP A 79 -44.47 -15.39 -9.03
C ASP A 79 -43.92 -14.04 -9.47
N LEU A 80 -43.67 -13.15 -8.52
CA LEU A 80 -43.23 -11.80 -8.86
C LEU A 80 -41.73 -11.57 -8.62
N LYS A 81 -40.99 -12.63 -8.32
CA LYS A 81 -39.56 -12.47 -8.04
C LYS A 81 -38.78 -12.27 -9.33
N PRO A 82 -37.87 -11.30 -9.39
CA PRO A 82 -37.06 -11.12 -10.60
C PRO A 82 -35.96 -12.17 -10.72
N THR A 83 -35.71 -12.59 -11.95
CA THR A 83 -34.56 -13.46 -12.20
C THR A 83 -33.29 -12.62 -12.36
N LEU A 84 -32.16 -13.30 -12.52
CA LEU A 84 -30.91 -12.59 -12.79
C LEU A 84 -31.00 -11.84 -14.11
N GLY A 85 -31.50 -12.50 -15.15
CA GLY A 85 -31.64 -11.85 -16.45
C GLY A 85 -32.38 -10.54 -16.37
N MET A 86 -33.51 -10.51 -15.66
CA MET A 86 -34.24 -9.26 -15.51
C MET A 86 -33.42 -8.24 -14.75
N ALA A 87 -32.62 -8.69 -13.77
CA ALA A 87 -31.83 -7.74 -13.00
C ALA A 87 -30.75 -7.11 -13.88
N ILE A 88 -30.02 -7.93 -14.61
CA ILE A 88 -28.98 -7.41 -15.51
C ILE A 88 -29.61 -6.46 -16.52
N GLN A 89 -30.76 -6.83 -17.09
CA GLN A 89 -31.37 -6.04 -18.14
C GLN A 89 -31.72 -4.63 -17.63
N THR A 90 -32.42 -4.53 -16.50
CA THR A 90 -32.82 -3.19 -16.06
C THR A 90 -31.67 -2.44 -15.39
N VAL A 91 -30.88 -3.09 -14.53
CA VAL A 91 -29.88 -2.37 -13.75
C VAL A 91 -28.62 -2.10 -14.58
N PHE A 92 -28.22 -3.05 -15.43
CA PHE A 92 -27.04 -2.89 -16.29
C PHE A 92 -27.43 -3.08 -17.74
N PRO A 93 -28.26 -2.19 -18.30
CA PRO A 93 -28.75 -2.40 -19.68
C PRO A 93 -27.65 -2.42 -20.71
N ASP A 94 -26.54 -1.72 -20.48
CA ASP A 94 -25.44 -1.65 -21.44
C ASP A 94 -24.60 -2.92 -21.47
N LYS A 95 -24.81 -3.86 -20.56
CA LYS A 95 -24.07 -5.12 -20.58
C LYS A 95 -24.95 -6.33 -20.83
N PHE A 96 -26.25 -6.15 -21.07
CA PHE A 96 -27.17 -7.31 -21.17
C PHE A 96 -26.85 -8.19 -22.39
N GLU A 97 -26.56 -7.57 -23.51
CA GLU A 97 -26.23 -8.33 -24.74
C GLU A 97 -25.03 -9.23 -24.42
N LYS A 98 -23.98 -8.67 -23.80
CA LYS A 98 -22.83 -9.51 -23.40
C LYS A 98 -23.30 -10.50 -22.34
N PHE A 99 -24.16 -10.04 -21.43
CA PHE A 99 -24.70 -11.01 -20.49
C PHE A 99 -25.44 -12.14 -21.21
N LEU A 100 -26.02 -11.88 -22.37
CA LEU A 100 -26.65 -12.97 -23.12
C LEU A 100 -25.63 -13.89 -23.79
N GLU A 101 -24.56 -13.33 -24.34
CA GLU A 101 -23.56 -14.13 -25.09
C GLU A 101 -22.84 -15.14 -24.19
N ARG A 102 -22.40 -14.71 -23.01
CA ARG A 102 -21.59 -15.58 -22.11
C ARG A 102 -22.47 -16.64 -21.43
N THR A 103 -23.78 -16.47 -21.52
CA THR A 103 -24.69 -17.47 -20.96
C THR A 103 -25.21 -18.42 -22.03
N HIS A 104 -24.60 -18.42 -23.21
CA HIS A 104 -25.03 -19.31 -24.28
C HIS A 104 -24.94 -20.77 -23.87
N LEU A 105 -23.87 -21.15 -23.19
CA LEU A 105 -23.67 -22.52 -22.71
C LEU A 105 -24.34 -22.80 -21.36
N HIS A 106 -24.66 -21.76 -20.58
CA HIS A 106 -25.32 -21.96 -19.27
C HIS A 106 -26.58 -21.10 -19.21
N PRO A 107 -27.57 -21.34 -20.09
CA PRO A 107 -28.75 -20.47 -20.17
C PRO A 107 -29.62 -20.45 -18.90
N GLU A 108 -29.50 -21.47 -18.05
CA GLU A 108 -30.23 -21.46 -16.78
C GLU A 108 -29.81 -20.30 -15.88
N TYR A 109 -28.61 -19.74 -16.08
CA TYR A 109 -28.19 -18.59 -15.28
C TYR A 109 -29.18 -17.45 -15.42
N ARG A 110 -29.60 -17.17 -16.65
CA ARG A 110 -30.52 -16.05 -16.89
C ARG A 110 -31.82 -16.21 -16.12
N ASP A 111 -32.17 -17.44 -15.73
CA ASP A 111 -33.43 -17.72 -15.07
C ASP A 111 -33.27 -17.97 -13.57
N PHE A 112 -32.06 -17.79 -13.03
CA PHE A 112 -31.86 -17.93 -11.59
C PHE A 112 -32.69 -16.90 -10.84
N THR A 113 -33.43 -17.37 -9.85
CA THR A 113 -34.35 -16.52 -9.10
C THR A 113 -34.00 -16.63 -7.63
N PRO A 114 -33.22 -15.69 -7.08
CA PRO A 114 -32.89 -15.74 -5.65
C PRO A 114 -34.09 -15.28 -4.83
N ASP A 115 -33.98 -15.51 -3.52
CA ASP A 115 -35.06 -15.08 -2.62
C ASP A 115 -35.17 -13.56 -2.63
N TYR A 116 -34.04 -12.86 -2.62
CA TYR A 116 -34.00 -11.40 -2.71
C TYR A 116 -32.98 -11.02 -3.77
N LEU A 117 -33.38 -10.18 -4.71
CA LEU A 117 -32.48 -9.67 -5.74
C LEU A 117 -32.58 -8.16 -5.65
N MET A 118 -31.66 -7.56 -4.91
CA MET A 118 -31.63 -6.14 -4.69
C MET A 118 -30.41 -5.50 -5.37
N CYS A 119 -30.44 -4.17 -5.42
CA CYS A 119 -29.34 -3.38 -5.93
C CYS A 119 -29.17 -2.20 -5.00
N ARG A 120 -28.00 -1.58 -5.02
CA ARG A 120 -27.81 -0.38 -4.22
C ARG A 120 -28.66 0.73 -4.81
N SER A 121 -29.20 1.59 -3.93
CA SER A 121 -30.16 2.61 -4.34
C SER A 121 -29.67 3.37 -5.56
N ARG A 122 -30.57 3.54 -6.52
CA ARG A 122 -30.23 4.11 -7.82
C ARG A 122 -31.46 4.75 -8.46
N ALA A 177 -37.76 -5.79 -11.61
CA ALA A 177 -38.37 -5.53 -10.29
C ALA A 177 -37.30 -5.69 -9.20
N VAL A 178 -36.11 -5.16 -9.45
CA VAL A 178 -35.00 -5.22 -8.45
C VAL A 178 -35.31 -4.25 -7.31
N GLN A 179 -35.33 -4.79 -6.09
CA GLN A 179 -35.59 -3.94 -4.91
C GLN A 179 -34.32 -3.13 -4.64
N GLU A 180 -34.45 -2.04 -3.91
CA GLU A 180 -33.34 -1.15 -3.64
C GLU A 180 -33.00 -1.19 -2.16
N VAL A 181 -31.72 -1.02 -1.87
CA VAL A 181 -31.21 -1.01 -0.51
C VAL A 181 -30.15 0.08 -0.44
N SER A 182 -30.06 0.72 0.73
CA SER A 182 -29.22 1.91 0.85
C SER A 182 -27.75 1.56 0.87
N SER A 183 -27.40 0.38 1.38
CA SER A 183 -26.00 -0.05 1.39
C SER A 183 -25.95 -1.57 1.34
N VAL A 184 -25.23 -2.10 0.35
CA VAL A 184 -25.09 -3.54 0.24
C VAL A 184 -24.02 -4.05 1.21
N SER A 185 -22.91 -3.30 1.30
CA SER A 185 -21.83 -3.65 2.21
C SER A 185 -22.30 -3.77 3.66
N ALA A 186 -23.30 -3.00 4.07
CA ALA A 186 -23.80 -3.10 5.44
C ALA A 186 -24.57 -4.41 5.66
N VAL A 187 -25.32 -4.86 4.64
CA VAL A 187 -26.01 -6.14 4.73
C VAL A 187 -25.00 -7.28 4.85
N VAL A 188 -23.92 -7.22 4.08
CA VAL A 188 -22.87 -8.28 4.11
C VAL A 188 -22.21 -8.29 5.50
N ASP A 189 -21.91 -7.12 6.04
CA ASP A 189 -21.32 -7.00 7.40
C ASP A 189 -22.25 -7.61 8.46
N ARG A 190 -23.54 -7.27 8.42
CA ARG A 190 -24.49 -7.77 9.45
C ARG A 190 -24.58 -9.30 9.32
N PHE A 191 -24.53 -9.82 8.10
CA PHE A 191 -24.51 -11.27 7.94
C PHE A 191 -23.19 -11.85 8.47
N LYS A 192 -22.07 -11.24 8.08
CA LYS A 192 -20.76 -11.71 8.52
C LYS A 192 -20.60 -11.58 10.04
N SER A 193 -21.19 -10.53 10.63
CA SER A 193 -21.11 -10.34 12.08
C SER A 193 -21.80 -11.47 12.83
N LYS A 194 -23.07 -11.74 12.49
CA LYS A 194 -23.78 -12.80 13.20
C LYS A 194 -23.16 -14.16 12.94
N SER A 195 -22.67 -14.40 11.73
CA SER A 195 -21.93 -15.64 11.48
C SER A 195 -20.74 -15.74 12.42
N SER A 196 -19.97 -14.66 12.54
CA SER A 196 -18.82 -14.67 13.43
C SER A 196 -19.23 -14.80 14.89
N GLU A 197 -20.37 -14.23 15.29
CA GLU A 197 -20.74 -14.13 16.73
C GLU A 197 -21.49 -15.37 17.26
N LYS A 198 -22.44 -15.89 16.51
CA LYS A 198 -23.26 -17.02 16.98
C LYS A 198 -22.92 -18.30 16.22
N GLY A 199 -21.82 -18.32 15.48
CA GLY A 199 -21.45 -19.54 14.80
C GLY A 199 -22.40 -19.99 13.71
N ARG A 200 -23.21 -19.07 13.17
CA ARG A 200 -24.22 -19.43 12.17
C ARG A 200 -23.59 -19.58 10.79
N PRO A 201 -23.75 -20.72 10.13
CA PRO A 201 -23.11 -20.96 8.82
C PRO A 201 -23.69 -20.07 7.74
N ILE A 202 -22.82 -19.32 7.07
CA ILE A 202 -23.20 -18.61 5.85
C ILE A 202 -22.19 -18.95 4.77
N ARG A 203 -22.55 -18.60 3.54
CA ARG A 203 -21.58 -18.55 2.46
C ARG A 203 -21.75 -17.21 1.79
N GLN A 204 -20.64 -16.64 1.33
CA GLN A 204 -20.64 -15.29 0.81
C GLN A 204 -19.63 -15.20 -0.32
N GLU A 205 -20.01 -14.50 -1.38
CA GLU A 205 -19.14 -14.34 -2.53
C GLU A 205 -19.37 -12.97 -3.14
N GLU A 206 -18.29 -12.39 -3.64
CA GLU A 206 -18.29 -11.07 -4.26
C GLU A 206 -17.61 -11.19 -5.60
N SER A 207 -18.28 -10.74 -6.66
CA SER A 207 -17.61 -10.70 -7.95
C SER A 207 -16.45 -9.71 -7.91
N ARG A 208 -15.42 -9.99 -8.67
CA ARG A 208 -14.28 -9.09 -8.67
C ARG A 208 -13.53 -9.22 -10.00
N PRO A 209 -13.63 -8.22 -10.87
CA PRO A 209 -12.87 -8.26 -12.13
C PRO A 209 -11.37 -8.26 -11.86
N LYS A 210 -10.67 -9.21 -12.48
CA LYS A 210 -9.23 -9.39 -12.29
C LYS A 210 -8.90 -9.29 -10.80
N THR A 211 -7.98 -8.40 -10.42
CA THR A 211 -7.71 -8.15 -9.01
C THR A 211 -8.02 -6.69 -8.66
N GLU A 212 -9.12 -6.17 -9.18
CA GLU A 212 -9.38 -4.74 -9.12
C GLU A 212 -9.58 -4.27 -7.68
N SER A 213 -9.17 -3.02 -7.44
CA SER A 213 -9.40 -2.35 -6.16
C SER A 213 -10.71 -1.59 -6.19
N MET A 214 -11.35 -1.50 -5.02
CA MET A 214 -12.40 -0.51 -4.82
C MET A 214 -11.83 0.89 -5.05
N GLN A 215 -12.73 1.83 -5.35
CA GLN A 215 -12.36 3.19 -5.73
C GLN A 215 -13.22 4.18 -4.97
N GLU A 216 -12.70 5.41 -4.81
CA GLU A 216 -13.36 6.43 -4.03
C GLU A 216 -13.83 7.63 -4.85
N ASP A 217 -13.54 7.67 -6.15
CA ASP A 217 -13.84 8.83 -6.97
C ASP A 217 -15.02 8.65 -7.90
N ILE A 218 -15.72 7.50 -7.85
CA ILE A 218 -16.86 7.25 -8.70
C ILE A 218 -17.70 6.15 -8.04
N GLU A 219 -19.01 6.20 -8.28
CA GLU A 219 -19.91 5.17 -7.77
C GLU A 219 -20.31 4.24 -8.92
N VAL A 220 -20.43 2.95 -8.60
CA VAL A 220 -20.90 1.97 -9.57
C VAL A 220 -22.20 1.38 -9.05
N ASP A 221 -22.98 0.81 -9.97
CA ASP A 221 -24.11 0.00 -9.58
C ASP A 221 -23.64 -1.39 -9.16
N GLU A 222 -24.40 -2.00 -8.26
CA GLU A 222 -24.04 -3.31 -7.73
C GLU A 222 -25.30 -4.05 -7.31
N LEU A 223 -25.22 -5.38 -7.29
CA LEU A 223 -26.34 -6.20 -6.88
C LEU A 223 -26.05 -6.90 -5.55
N LEU A 224 -27.11 -7.25 -4.84
CA LEU A 224 -27.02 -8.13 -3.71
C LEU A 224 -27.99 -9.27 -3.95
N ILE A 225 -27.49 -10.50 -3.90
CA ILE A 225 -28.28 -11.68 -4.13
C ILE A 225 -28.30 -12.47 -2.83
N VAL A 226 -29.49 -12.71 -2.28
CA VAL A 226 -29.64 -13.35 -0.98
C VAL A 226 -30.53 -14.57 -1.13
N GLU A 227 -30.10 -15.69 -0.54
CA GLU A 227 -30.87 -16.91 -0.43
C GLU A 227 -31.03 -17.26 1.04
N VAL A 228 -32.26 -17.56 1.46
CA VAL A 228 -32.54 -17.89 2.85
C VAL A 228 -33.30 -19.21 2.87
N GLY A 229 -33.41 -19.78 4.05
CA GLY A 229 -34.12 -21.05 4.16
C GLY A 229 -34.40 -21.50 5.57
N TYR A 230 -35.47 -22.28 5.72
CA TYR A 230 -35.86 -22.88 6.99
C TYR A 230 -35.89 -24.39 6.74
N GLN A 231 -34.83 -25.09 7.15
CA GLN A 231 -34.72 -26.51 6.91
C GLN A 231 -33.58 -27.09 7.76
N THR A 232 -33.64 -28.41 7.95
CA THR A 232 -32.82 -29.03 8.98
C THR A 232 -31.33 -28.99 8.60
N ASP A 233 -31.01 -29.34 7.35
CA ASP A 233 -29.62 -29.34 6.88
C ASP A 233 -29.21 -27.92 6.54
N ILE A 234 -28.84 -27.17 7.58
CA ILE A 234 -28.41 -25.78 7.41
C ILE A 234 -27.09 -25.73 6.63
N GLU A 235 -26.09 -26.47 7.10
CA GLU A 235 -24.81 -26.58 6.41
C GLU A 235 -25.01 -26.95 4.94
N GLY A 236 -25.81 -27.98 4.68
CA GLY A 236 -26.04 -28.41 3.31
C GLY A 236 -26.67 -27.35 2.44
N LYS A 237 -27.57 -26.53 3.01
CA LYS A 237 -28.26 -25.54 2.22
C LYS A 237 -27.30 -24.46 1.71
N VAL A 238 -26.42 -23.96 2.57
CA VAL A 238 -25.58 -22.85 2.17
C VAL A 238 -24.48 -23.32 1.22
N ILE A 239 -24.04 -24.57 1.33
CA ILE A 239 -23.02 -25.08 0.43
C ILE A 239 -23.58 -25.22 -0.98
N SER A 240 -24.76 -25.84 -1.12
CA SER A 240 -25.34 -26.01 -2.45
C SER A 240 -25.81 -24.70 -3.05
N ASP A 241 -26.28 -23.75 -2.22
CA ASP A 241 -26.63 -22.43 -2.73
C ASP A 241 -25.42 -21.71 -3.30
N ILE A 242 -24.30 -21.72 -2.57
CA ILE A 242 -23.14 -20.98 -3.05
C ILE A 242 -22.50 -21.68 -4.25
N GLU A 243 -22.57 -23.02 -4.30
CA GLU A 243 -22.11 -23.74 -5.47
C GLU A 243 -22.91 -23.39 -6.71
N LYS A 244 -24.22 -23.23 -6.54
CA LYS A 244 -25.08 -22.88 -7.67
C LYS A 244 -24.72 -21.51 -8.24
N TRP A 245 -24.46 -20.53 -7.37
CA TRP A 245 -24.25 -19.15 -7.79
C TRP A 245 -22.79 -18.86 -8.16
N LYS A 246 -21.86 -19.77 -7.84
CA LYS A 246 -20.45 -19.54 -8.11
C LYS A 246 -20.22 -19.26 -9.59
N GLY A 247 -20.86 -20.03 -10.47
CA GLY A 247 -20.75 -19.79 -11.89
C GLY A 247 -21.11 -18.36 -12.29
N VAL A 248 -22.22 -17.85 -11.76
CA VAL A 248 -22.64 -16.54 -12.25
C VAL A 248 -21.78 -15.44 -11.64
N VAL A 249 -21.30 -15.63 -10.40
CA VAL A 249 -20.30 -14.72 -9.83
C VAL A 249 -19.12 -14.55 -10.77
N ASN A 250 -18.57 -15.67 -11.25
CA ASN A 250 -17.41 -15.63 -12.18
C ASN A 250 -17.83 -14.92 -13.47
N LEU A 251 -19.00 -15.24 -13.98
CA LEU A 251 -19.55 -14.52 -15.14
C LEU A 251 -19.57 -13.04 -14.79
N MET A 252 -20.06 -12.70 -13.59
CA MET A 252 -20.15 -11.29 -13.27
C MET A 252 -18.78 -10.62 -13.23
N SER A 253 -17.77 -11.32 -12.71
CA SER A 253 -16.42 -10.77 -12.72
C SER A 253 -15.97 -10.46 -14.14
N HIS A 254 -16.36 -11.30 -15.10
CA HIS A 254 -15.91 -11.15 -16.47
C HIS A 254 -16.67 -10.05 -17.21
N LEU A 255 -17.86 -9.69 -16.75
CA LEU A 255 -18.60 -8.56 -17.30
C LEU A 255 -18.33 -7.25 -16.58
N GLY A 256 -17.46 -7.26 -15.57
CA GLY A 256 -17.22 -6.05 -14.78
C GLY A 256 -18.43 -5.58 -13.99
N ILE A 257 -19.28 -6.50 -13.55
CA ILE A 257 -20.44 -6.18 -12.73
C ILE A 257 -20.15 -6.60 -11.30
N LYS A 258 -20.43 -5.72 -10.35
CA LYS A 258 -20.23 -6.01 -8.94
C LYS A 258 -21.48 -6.67 -8.36
N VAL A 259 -21.34 -7.90 -7.87
CA VAL A 259 -22.42 -8.56 -7.18
C VAL A 259 -21.88 -9.15 -5.89
N ASN A 260 -22.75 -9.26 -4.89
CA ASN A 260 -22.49 -10.05 -3.69
C ASN A 260 -23.57 -11.09 -3.59
N VAL A 261 -23.19 -12.33 -3.28
CA VAL A 261 -24.12 -13.42 -3.04
C VAL A 261 -23.99 -13.84 -1.58
N LEU A 262 -25.14 -13.92 -0.89
CA LEU A 262 -25.24 -14.35 0.50
C LEU A 262 -26.24 -15.49 0.61
N THR A 263 -25.90 -16.51 1.39
CA THR A 263 -26.88 -17.56 1.66
C THR A 263 -26.81 -17.96 3.12
N CYS A 264 -27.98 -18.25 3.72
CA CYS A 264 -28.06 -18.61 5.13
C CYS A 264 -29.26 -19.53 5.33
N ALA A 265 -29.32 -20.15 6.51
CA ALA A 265 -30.47 -20.99 6.84
C ALA A 265 -30.62 -21.11 8.35
N ASP A 266 -31.85 -21.38 8.78
CA ASP A 266 -32.18 -21.69 10.16
C ASP A 266 -32.83 -23.07 10.23
N ASN A 267 -32.83 -23.68 11.41
CA ASN A 267 -33.70 -24.82 11.64
C ASN A 267 -34.30 -24.69 13.04
N SER A 268 -35.21 -25.61 13.38
CA SER A 268 -35.95 -25.51 14.64
C SER A 268 -35.09 -25.77 15.85
N GLN A 269 -33.88 -26.31 15.68
CA GLN A 269 -32.96 -26.53 16.79
C GLN A 269 -32.10 -25.31 17.08
N THR A 270 -32.16 -24.33 16.19
CA THR A 270 -31.39 -23.08 16.38
C THR A 270 -31.91 -22.35 17.61
N PRO A 271 -31.03 -22.00 18.57
CA PRO A 271 -31.44 -21.25 19.75
C PRO A 271 -32.33 -20.08 19.33
N ARG A 272 -33.47 -19.89 19.99
CA ARG A 272 -34.48 -18.87 19.59
C ARG A 272 -33.93 -17.43 19.58
N THR A 273 -32.79 -17.19 20.20
CA THR A 273 -32.20 -15.86 20.11
C THR A 273 -31.23 -15.68 18.93
N ASP A 274 -30.97 -16.75 18.17
CA ASP A 274 -29.87 -16.77 17.22
C ASP A 274 -30.32 -16.88 15.77
N TRP A 275 -31.62 -16.78 15.49
CA TRP A 275 -32.06 -17.04 14.12
C TRP A 275 -31.77 -15.83 13.23
N TRP A 276 -31.98 -16.02 11.94
CA TRP A 276 -31.93 -14.91 11.00
C TRP A 276 -33.20 -14.07 11.04
N ILE A 277 -34.17 -14.42 11.89
CA ILE A 277 -35.39 -13.63 12.06
C ILE A 277 -35.51 -13.27 13.54
N ASP A 278 -36.26 -12.21 13.80
CA ASP A 278 -36.51 -11.80 15.17
C ASP A 278 -37.10 -12.95 15.99
N GLU A 279 -36.68 -13.03 17.25
CA GLU A 279 -37.14 -14.07 18.15
C GLU A 279 -38.67 -14.08 18.27
N LYS A 280 -39.29 -12.91 18.24
CA LYS A 280 -40.75 -12.87 18.29
C LYS A 280 -41.38 -13.57 17.09
N TYR A 281 -40.67 -13.67 15.96
CA TYR A 281 -41.17 -14.45 14.84
C TYR A 281 -40.83 -15.93 14.98
N VAL A 282 -39.64 -16.23 15.55
CA VAL A 282 -39.28 -17.61 15.86
C VAL A 282 -40.38 -18.26 16.70
N ARG A 283 -40.85 -17.56 17.73
CA ARG A 283 -41.93 -18.10 18.56
C ARG A 283 -43.19 -18.36 17.75
N LEU A 284 -43.49 -17.49 16.78
CA LEU A 284 -44.71 -17.69 15.99
C LEU A 284 -44.62 -18.94 15.11
N LEU A 285 -43.45 -19.21 14.52
CA LEU A 285 -43.29 -20.42 13.73
C LEU A 285 -43.30 -21.66 14.60
N LEU A 286 -42.58 -21.64 15.71
CA LEU A 286 -42.52 -22.82 16.56
C LEU A 286 -43.89 -23.17 17.14
N ASN A 287 -44.73 -22.18 17.40
CA ASN A 287 -46.02 -22.47 17.99
C ASN A 287 -47.06 -22.87 16.96
N SER A 288 -46.83 -22.59 15.67
CA SER A 288 -47.78 -22.95 14.64
C SER A 288 -47.15 -24.02 13.78
N ILE A 289 -46.34 -23.66 12.78
CA ILE A 289 -45.96 -24.61 11.73
C ILE A 289 -45.24 -25.83 12.30
N SER A 290 -44.57 -25.68 13.45
CA SER A 290 -43.80 -26.80 13.99
C SER A 290 -44.68 -27.80 14.74
N TYR A 291 -45.76 -27.34 15.39
CA TYR A 291 -46.69 -28.29 16.01
C TYR A 291 -47.55 -28.98 14.98
N LEU A 292 -47.84 -28.31 13.86
CA LEU A 292 -48.52 -28.96 12.76
C LEU A 292 -47.74 -30.17 12.28
N PHE A 293 -46.42 -30.01 12.12
CA PHE A 293 -45.61 -31.13 11.63
C PHE A 293 -45.57 -32.27 12.64
N LYS A 294 -45.48 -31.96 13.93
CA LYS A 294 -45.42 -33.01 14.94
C LYS A 294 -46.74 -33.76 15.05
N GLU A 295 -47.87 -33.05 14.98
CA GLU A 295 -49.16 -33.72 15.02
C GLU A 295 -49.44 -34.48 13.73
N LEU A 296 -48.88 -34.02 12.62
CA LEU A 296 -49.07 -34.71 11.35
C LEU A 296 -48.45 -36.12 11.38
N LEU A 297 -47.23 -36.23 11.92
CA LEU A 297 -46.54 -37.52 11.93
C LEU A 297 -47.25 -38.52 12.83
N GLU A 298 -47.43 -38.13 14.09
CA GLU A 298 -48.00 -39.02 15.10
C GLU A 298 -49.31 -39.62 14.62
N ASN A 299 -50.32 -38.78 14.41
CA ASN A 299 -51.64 -39.24 13.96
C ASN A 299 -51.64 -39.58 12.48
N GLU B 1 -4.93 23.76 5.38
CA GLU B 1 -3.98 22.95 4.62
C GLU B 1 -3.98 21.50 5.12
N VAL B 2 -3.95 20.57 4.16
CA VAL B 2 -3.87 19.15 4.48
C VAL B 2 -2.47 18.83 5.00
N LYS B 3 -2.39 18.12 6.12
CA LYS B 3 -1.10 17.69 6.63
C LYS B 3 -1.22 16.29 7.22
N LEU B 4 -0.23 15.44 6.94
CA LEU B 4 -0.14 14.12 7.54
C LEU B 4 1.18 14.02 8.30
N GLU B 5 1.14 13.48 9.52
CA GLU B 5 2.31 13.55 10.40
C GLU B 5 2.52 12.20 11.07
N GLU B 6 3.51 11.45 10.59
CA GLU B 6 3.82 10.13 11.14
C GLU B 6 4.72 10.23 12.37
N SER B 7 4.59 9.23 13.22
CA SER B 7 5.43 9.06 14.39
C SER B 7 5.51 7.56 14.72
N GLY B 8 6.38 7.23 15.64
CA GLY B 8 6.51 5.87 16.11
C GLY B 8 7.71 5.13 15.57
N GLY B 9 8.49 5.76 14.70
CA GLY B 9 9.69 5.12 14.20
C GLY B 9 10.72 4.88 15.29
N GLY B 10 11.79 4.22 14.89
CA GLY B 10 12.85 3.91 15.82
C GLY B 10 13.44 2.56 15.47
N LEU B 11 14.15 2.02 16.44
CA LEU B 11 14.96 0.81 16.25
C LEU B 11 14.24 -0.38 16.85
N VAL B 12 14.20 -1.49 16.09
CA VAL B 12 13.52 -2.72 16.47
C VAL B 12 14.44 -3.90 16.18
N ARG B 13 14.53 -4.84 17.12
CA ARG B 13 15.26 -6.06 16.86
C ARG B 13 14.49 -6.91 15.86
N PRO B 14 15.19 -7.74 15.08
CA PRO B 14 14.48 -8.65 14.18
C PRO B 14 13.56 -9.57 14.95
N GLY B 15 12.37 -9.82 14.41
CA GLY B 15 11.32 -10.47 15.15
C GLY B 15 10.50 -9.53 16.02
N GLY B 16 11.00 -8.33 16.30
CA GLY B 16 10.31 -7.40 17.16
C GLY B 16 9.06 -6.84 16.51
N SER B 17 8.42 -5.93 17.24
CA SER B 17 7.15 -5.34 16.85
C SER B 17 7.21 -3.83 17.06
N ARG B 18 6.36 -3.11 16.34
CA ARG B 18 6.35 -1.65 16.42
C ARG B 18 5.08 -1.09 15.80
N LYS B 19 4.47 -0.11 16.46
CA LYS B 19 3.26 0.54 15.97
C LYS B 19 3.55 1.98 15.53
N LEU B 20 3.12 2.32 14.32
CA LEU B 20 3.28 3.66 13.78
C LEU B 20 1.93 4.38 13.78
N SER B 21 1.97 5.69 13.90
CA SER B 21 0.75 6.48 13.92
C SER B 21 0.87 7.58 12.89
N CYS B 22 -0.26 8.01 12.35
CA CYS B 22 -0.29 9.13 11.43
C CYS B 22 -1.44 10.03 11.84
N ALA B 23 -1.10 11.24 12.31
CA ALA B 23 -2.10 12.25 12.68
C ALA B 23 -2.46 13.08 11.45
N ALA B 24 -3.76 13.19 11.17
CA ALA B 24 -4.23 13.87 9.97
C ALA B 24 -5.02 15.13 10.32
N SER B 25 -4.83 16.19 9.53
CA SER B 25 -5.50 17.47 9.78
C SER B 25 -5.80 18.16 8.45
N GLY B 26 -6.71 19.12 8.51
CA GLY B 26 -7.03 19.97 7.36
C GLY B 26 -8.01 19.38 6.38
N PHE B 27 -8.63 18.26 6.69
CA PHE B 27 -9.66 17.68 5.86
C PHE B 27 -10.44 16.71 6.72
N THR B 28 -11.62 16.32 6.25
CA THR B 28 -12.46 15.39 7.02
C THR B 28 -11.93 13.97 6.82
N PHE B 29 -10.99 13.61 7.70
CA PHE B 29 -10.27 12.35 7.70
C PHE B 29 -11.19 11.13 7.54
N SER B 30 -12.35 11.15 8.22
CA SER B 30 -13.18 9.96 8.30
C SER B 30 -13.88 9.64 6.99
N SER B 31 -13.83 10.52 5.99
CA SER B 31 -14.50 10.27 4.73
C SER B 31 -13.58 9.66 3.67
N TYR B 32 -12.32 9.37 3.99
CA TYR B 32 -11.35 9.04 2.96
C TYR B 32 -10.55 7.81 3.36
N GLY B 33 -10.19 7.02 2.35
CA GLY B 33 -9.24 5.96 2.55
C GLY B 33 -7.86 6.49 2.87
N MET B 34 -7.10 5.69 3.58
CA MET B 34 -5.76 6.06 4.02
C MET B 34 -4.80 4.93 3.68
N GLN B 35 -3.53 5.27 3.52
CA GLN B 35 -2.55 4.30 3.02
C GLN B 35 -1.22 4.44 3.75
N TRP B 36 -0.44 3.37 3.70
CA TRP B 36 0.97 3.39 4.08
C TRP B 36 1.83 3.00 2.88
N VAL B 37 2.94 3.73 2.69
CA VAL B 37 3.93 3.46 1.65
C VAL B 37 5.30 3.52 2.33
N ARG B 38 6.24 2.71 1.85
CA ARG B 38 7.58 2.74 2.44
C ARG B 38 8.65 2.79 1.35
N GLN B 39 9.86 3.09 1.79
CA GLN B 39 10.99 3.27 0.88
C GLN B 39 12.24 2.85 1.65
N ALA B 40 12.78 1.68 1.30
CA ALA B 40 14.10 1.27 1.80
C ALA B 40 15.16 2.24 1.28
N PRO B 41 16.17 2.57 2.11
CA PRO B 41 17.19 3.55 1.72
C PRO B 41 17.82 3.32 0.34
N GLU B 42 17.93 4.38 -0.47
CA GLU B 42 18.48 4.31 -1.84
C GLU B 42 17.67 3.35 -2.73
N LYS B 43 16.39 3.15 -2.44
CA LYS B 43 15.53 2.28 -3.28
C LYS B 43 14.24 3.03 -3.66
N GLY B 44 13.36 2.36 -4.39
CA GLY B 44 12.12 2.98 -4.82
C GLY B 44 10.98 2.79 -3.82
N LEU B 45 9.84 3.35 -4.18
CA LEU B 45 8.68 3.33 -3.29
C LEU B 45 7.96 1.99 -3.37
N GLU B 46 7.43 1.55 -2.23
CA GLU B 46 6.77 0.26 -2.10
C GLU B 46 5.48 0.44 -1.32
N TRP B 47 4.36 0.14 -1.96
CA TRP B 47 3.07 0.26 -1.29
C TRP B 47 2.96 -0.80 -0.19
N VAL B 48 2.38 -0.41 0.96
CA VAL B 48 2.27 -1.29 2.13
C VAL B 48 0.83 -1.75 2.38
N ALA B 49 -0.10 -0.80 2.54
CA ALA B 49 -1.45 -1.16 2.92
C ALA B 49 -2.39 0.01 2.69
N TYR B 50 -3.66 -0.33 2.45
CA TYR B 50 -4.76 0.61 2.28
C TYR B 50 -5.86 0.27 3.26
N ILE B 51 -6.57 1.28 3.78
CA ILE B 51 -7.75 1.04 4.60
C ILE B 51 -8.84 2.01 4.19
N SER B 52 -10.04 1.49 3.95
CA SER B 52 -11.14 2.33 3.48
C SER B 52 -11.61 3.27 4.60
N SER B 53 -12.43 4.24 4.20
CA SER B 53 -12.90 5.28 5.13
C SER B 53 -13.53 4.68 6.39
N GLY B 54 -14.40 3.69 6.22
CA GLY B 54 -15.08 3.07 7.34
C GLY B 54 -14.46 1.75 7.74
N SER B 55 -13.22 1.50 7.33
CA SER B 55 -12.39 0.35 7.73
C SER B 55 -12.93 -0.97 7.20
N ARG B 56 -13.96 -0.96 6.36
CA ARG B 56 -14.54 -2.20 5.87
C ARG B 56 -13.64 -2.92 4.85
N THR B 57 -12.87 -2.16 4.08
CA THR B 57 -11.99 -2.78 3.08
C THR B 57 -10.55 -2.48 3.43
N ILE B 58 -9.76 -3.54 3.55
CA ILE B 58 -8.34 -3.45 3.85
C ILE B 58 -7.59 -4.27 2.82
N TYR B 59 -6.52 -3.70 2.27
CA TYR B 59 -5.61 -4.42 1.38
C TYR B 59 -4.19 -4.36 1.93
N TYR B 60 -3.40 -5.41 1.67
CA TYR B 60 -2.02 -5.52 2.11
C TYR B 60 -1.12 -5.94 0.95
N ALA B 61 0.08 -5.36 0.90
CA ALA B 61 1.13 -5.89 0.04
C ALA B 61 1.50 -7.30 0.50
N ASP B 62 1.79 -8.18 -0.48
CA ASP B 62 2.01 -9.58 -0.14
C ASP B 62 3.14 -9.76 0.87
N THR B 63 4.16 -8.91 0.82
CA THR B 63 5.30 -9.05 1.69
C THR B 63 5.01 -8.66 3.15
N VAL B 64 3.85 -8.08 3.48
CA VAL B 64 3.50 -7.81 4.87
C VAL B 64 2.31 -8.62 5.38
N LYS B 65 1.56 -9.31 4.51
CA LYS B 65 0.38 -10.04 4.94
C LYS B 65 0.68 -10.96 6.12
N GLY B 66 -0.22 -10.98 7.11
CA GLY B 66 -0.02 -11.80 8.29
C GLY B 66 0.97 -11.24 9.29
N ARG B 67 1.68 -10.17 8.98
CA ARG B 67 2.56 -9.53 9.95
C ARG B 67 2.14 -8.13 10.31
N PHE B 68 1.61 -7.37 9.36
CA PHE B 68 1.23 -5.98 9.55
C PHE B 68 -0.28 -5.88 9.61
N THR B 69 -0.78 -4.98 10.46
CA THR B 69 -2.18 -4.65 10.57
C THR B 69 -2.34 -3.16 10.44
N ILE B 70 -3.24 -2.75 9.57
CA ILE B 70 -3.57 -1.34 9.41
C ILE B 70 -4.91 -1.10 10.07
N SER B 71 -5.03 0.02 10.76
CA SER B 71 -6.28 0.38 11.41
C SER B 71 -6.34 1.89 11.53
N ARG B 72 -7.50 2.39 11.91
CA ARG B 72 -7.69 3.82 12.05
C ARG B 72 -8.63 4.09 13.22
N ASP B 73 -8.60 5.34 13.66
CA ASP B 73 -9.52 5.84 14.69
C ASP B 73 -10.09 7.14 14.17
N ASN B 74 -11.29 7.09 13.62
CA ASN B 74 -11.81 8.26 12.91
C ASN B 74 -12.10 9.43 13.86
N PRO B 75 -12.68 9.21 15.05
CA PRO B 75 -12.87 10.37 15.96
C PRO B 75 -11.57 11.04 16.36
N LYS B 76 -10.43 10.36 16.28
CA LYS B 76 -9.15 10.95 16.66
C LYS B 76 -8.27 11.28 15.47
N ASN B 77 -8.80 11.24 14.25
CA ASN B 77 -8.08 11.63 13.03
C ASN B 77 -6.69 10.99 12.97
N THR B 78 -6.64 9.70 13.31
CA THR B 78 -5.38 9.00 13.41
C THR B 78 -5.44 7.68 12.65
N LEU B 79 -4.36 7.40 11.94
CA LEU B 79 -4.17 6.17 11.20
C LEU B 79 -3.05 5.38 11.84
N PHE B 80 -3.19 4.05 11.86
CA PHE B 80 -2.25 3.19 12.54
C PHE B 80 -1.67 2.14 11.60
N LEU B 81 -0.42 1.74 11.88
CA LEU B 81 0.17 0.54 11.30
C LEU B 81 0.83 -0.25 12.42
N GLN B 82 0.33 -1.46 12.69
CA GLN B 82 0.95 -2.38 13.66
C GLN B 82 1.85 -3.33 12.90
N MET B 83 3.16 -3.25 13.16
CA MET B 83 4.13 -4.15 12.58
C MET B 83 4.60 -5.20 13.60
N THR B 84 4.61 -6.47 13.17
CA THR B 84 5.09 -7.58 13.98
C THR B 84 5.96 -8.48 13.11
N SER B 85 6.75 -9.33 13.77
CA SER B 85 7.66 -10.26 13.09
C SER B 85 8.55 -9.52 12.08
N LEU B 86 9.09 -8.39 12.51
CA LEU B 86 9.88 -7.53 11.63
C LEU B 86 11.17 -8.20 11.19
N ARG B 87 11.55 -7.92 9.94
CA ARG B 87 12.77 -8.43 9.33
C ARG B 87 13.60 -7.26 8.84
N SER B 88 14.91 -7.50 8.67
CA SER B 88 15.79 -6.40 8.25
C SER B 88 15.33 -5.80 6.93
N GLU B 89 14.66 -6.59 6.09
CA GLU B 89 14.11 -6.05 4.85
C GLU B 89 12.94 -5.10 5.08
N ASP B 90 12.43 -4.98 6.30
CA ASP B 90 11.40 -3.96 6.56
C ASP B 90 11.98 -2.60 6.91
N THR B 91 13.31 -2.48 7.07
CA THR B 91 13.95 -1.18 7.26
C THR B 91 13.57 -0.24 6.12
N ALA B 92 13.01 0.92 6.47
CA ALA B 92 12.50 1.85 5.48
C ALA B 92 12.00 3.11 6.16
N MET B 93 11.91 4.17 5.36
CA MET B 93 11.06 5.32 5.66
C MET B 93 9.61 4.92 5.42
N TYR B 94 8.75 5.09 6.41
CA TYR B 94 7.33 4.78 6.27
C TYR B 94 6.54 6.07 6.16
N TYR B 95 5.69 6.16 5.13
CA TYR B 95 4.88 7.32 4.86
C TYR B 95 3.41 6.93 4.93
N CYS B 96 2.60 7.78 5.57
CA CYS B 96 1.17 7.65 5.37
C CYS B 96 0.76 8.60 4.25
N ALA B 97 -0.31 8.25 3.59
CA ALA B 97 -0.71 9.02 2.43
C ALA B 97 -2.19 8.85 2.23
N THR B 98 -2.78 9.77 1.47
CA THR B 98 -4.20 9.69 1.12
C THR B 98 -4.40 10.33 -0.25
N GLY B 99 -5.46 9.92 -0.92
CA GLY B 99 -5.82 10.56 -2.17
C GLY B 99 -6.76 11.73 -1.97
N TYR B 100 -7.39 11.82 -0.80
CA TYR B 100 -8.35 12.88 -0.55
C TYR B 100 -9.38 12.95 -1.67
N GLY B 101 -9.93 11.78 -2.02
CA GLY B 101 -10.84 11.69 -3.14
C GLY B 101 -10.60 10.53 -4.09
N GLY B 102 -9.54 9.75 -3.86
CA GLY B 102 -9.23 8.62 -4.70
C GLY B 102 -8.15 7.78 -4.07
N THR B 103 -7.75 6.73 -4.81
CA THR B 103 -6.76 5.75 -4.38
C THR B 103 -5.34 6.11 -4.80
N TRP B 104 -5.16 7.28 -5.40
CA TRP B 104 -3.83 7.77 -5.70
C TRP B 104 -3.27 8.43 -4.44
N PHE B 105 -1.96 8.66 -4.43
CA PHE B 105 -1.29 9.27 -3.27
C PHE B 105 -1.17 10.77 -3.50
N ALA B 106 -2.23 11.51 -3.17
CA ALA B 106 -2.21 12.95 -3.38
C ALA B 106 -1.47 13.69 -2.27
N TYR B 107 -1.57 13.22 -1.02
CA TYR B 107 -0.98 13.91 0.13
C TYR B 107 -0.13 12.92 0.91
N TRP B 108 1.06 13.35 1.30
CA TRP B 108 2.06 12.50 1.92
C TRP B 108 2.57 13.16 3.20
N GLY B 109 2.88 12.35 4.21
CA GLY B 109 3.59 12.86 5.36
C GLY B 109 5.09 13.01 5.08
N GLN B 110 5.82 13.45 6.11
CA GLN B 110 7.27 13.55 6.00
C GLN B 110 7.97 12.23 6.27
N GLY B 111 7.24 11.24 6.79
CA GLY B 111 7.78 9.91 6.96
C GLY B 111 8.43 9.71 8.32
N THR B 112 8.47 8.45 8.74
CA THR B 112 9.20 8.07 9.94
C THR B 112 10.07 6.86 9.63
N LEU B 113 11.30 6.88 10.15
CA LEU B 113 12.30 5.87 9.83
C LEU B 113 12.24 4.70 10.80
N VAL B 114 12.10 3.50 10.26
CA VAL B 114 12.10 2.27 11.05
C VAL B 114 13.32 1.46 10.64
N THR B 115 14.19 1.16 11.59
CA THR B 115 15.37 0.34 11.38
C THR B 115 15.19 -0.98 12.10
N VAL B 116 15.26 -2.08 11.36
CA VAL B 116 15.14 -3.42 11.93
C VAL B 116 16.52 -4.05 11.92
N SER B 117 17.12 -4.19 13.10
CA SER B 117 18.49 -4.66 13.20
C SER B 117 18.78 -5.01 14.65
N ALA B 118 19.69 -5.95 14.85
CA ALA B 118 20.14 -6.26 16.21
C ALA B 118 21.42 -5.52 16.59
N ALA B 119 21.95 -4.65 15.73
CA ALA B 119 23.12 -3.90 16.10
C ALA B 119 22.79 -2.99 17.27
N SER B 120 23.80 -2.73 18.10
CA SER B 120 23.60 -1.82 19.23
C SER B 120 23.83 -0.38 18.81
N THR B 121 22.97 0.50 19.31
CA THR B 121 23.13 1.95 19.16
C THR B 121 24.54 2.35 19.55
N LYS B 122 25.18 3.16 18.72
CA LYS B 122 26.57 3.50 18.92
C LYS B 122 26.85 4.84 18.30
N GLY B 123 27.48 5.74 19.07
CA GLY B 123 27.88 7.02 18.56
C GLY B 123 29.08 6.86 17.63
N PRO B 124 29.28 7.83 16.76
CA PRO B 124 30.37 7.73 15.78
C PRO B 124 31.73 8.06 16.36
N SER B 125 32.75 7.45 15.76
CA SER B 125 34.12 7.94 15.89
C SER B 125 34.32 8.96 14.78
N VAL B 126 34.85 10.12 15.14
CA VAL B 126 35.00 11.22 14.22
C VAL B 126 36.48 11.52 14.08
N PHE B 127 37.00 11.41 12.86
CA PHE B 127 38.41 11.61 12.58
C PHE B 127 38.57 12.73 11.56
N PRO B 128 39.59 13.56 11.71
CA PRO B 128 39.82 14.63 10.72
C PRO B 128 40.38 14.11 9.40
N LEU B 129 39.95 14.75 8.32
CA LEU B 129 40.58 14.60 7.02
C LEU B 129 41.34 15.91 6.81
N ALA B 130 42.65 15.89 7.14
CA ALA B 130 43.36 17.15 7.30
C ALA B 130 43.75 17.73 5.94
N PRO B 131 43.76 19.06 5.82
CA PRO B 131 44.21 19.67 4.57
C PRO B 131 45.71 19.48 4.39
N SER B 132 46.12 19.26 3.15
CA SER B 132 47.55 19.12 2.84
C SER B 132 47.73 19.47 1.37
N SER B 133 48.97 19.36 0.87
CA SER B 133 49.20 19.62 -0.55
C SER B 133 48.56 18.55 -1.42
N LYS B 134 48.42 17.34 -0.89
CA LYS B 134 47.68 16.28 -1.57
C LYS B 134 46.18 16.55 -1.66
N SER B 135 45.68 17.65 -1.09
CA SER B 135 44.27 17.97 -1.17
C SER B 135 44.05 19.43 -1.57
N THR B 136 45.07 20.05 -2.15
CA THR B 136 45.04 21.44 -2.61
C THR B 136 45.01 21.50 -4.13
N SER B 137 44.28 22.48 -4.66
CA SER B 137 44.27 22.72 -6.10
C SER B 137 44.18 24.22 -6.31
N GLY B 138 45.20 24.80 -6.94
CA GLY B 138 45.22 26.24 -7.16
C GLY B 138 45.17 26.99 -5.84
N GLY B 139 44.15 27.83 -5.66
CA GLY B 139 43.99 28.53 -4.40
C GLY B 139 42.95 27.92 -3.47
N THR B 140 42.69 26.62 -3.59
CA THR B 140 41.66 25.93 -2.82
C THR B 140 42.23 24.69 -2.15
N ALA B 141 41.87 24.47 -0.89
CA ALA B 141 42.15 23.20 -0.22
C ALA B 141 40.85 22.53 0.21
N ALA B 142 40.83 21.20 0.11
CA ALA B 142 39.77 20.38 0.67
C ALA B 142 40.18 19.84 2.05
N LEU B 143 39.18 19.65 2.91
CA LEU B 143 39.35 19.04 4.21
C LEU B 143 38.00 18.47 4.61
N GLY B 144 37.98 17.62 5.62
CA GLY B 144 36.71 17.07 6.06
C GLY B 144 36.79 16.29 7.34
N CYS B 145 35.76 15.47 7.57
CA CYS B 145 35.69 14.58 8.73
C CYS B 145 35.22 13.21 8.28
N LEU B 146 35.86 12.17 8.79
CA LEU B 146 35.37 10.81 8.62
C LEU B 146 34.52 10.43 9.83
N VAL B 147 33.25 10.10 9.58
CA VAL B 147 32.29 9.79 10.63
C VAL B 147 32.08 8.27 10.63
N LYS B 148 32.83 7.55 11.46
CA LYS B 148 32.94 6.11 11.33
C LYS B 148 32.12 5.38 12.39
N ASP B 149 31.32 4.40 11.93
CA ASP B 149 30.79 3.31 12.75
C ASP B 149 29.79 3.77 13.79
N TYR B 150 28.70 4.34 13.27
CA TYR B 150 27.59 4.75 14.13
C TYR B 150 26.35 3.91 13.81
N PHE B 151 25.36 3.95 14.69
CA PHE B 151 24.09 3.18 14.53
C PHE B 151 23.06 3.68 15.54
N PRO B 152 21.74 3.71 15.22
CA PRO B 152 21.25 3.59 13.87
C PRO B 152 21.54 4.82 12.99
N GLU B 153 20.95 4.84 11.82
CA GLU B 153 21.31 5.85 10.80
C GLU B 153 21.29 7.32 11.19
N PRO B 154 20.17 7.98 11.45
CA PRO B 154 20.19 9.44 11.51
C PRO B 154 21.46 10.09 12.13
N VAL B 155 22.30 10.72 11.30
CA VAL B 155 23.47 11.53 11.77
C VAL B 155 23.48 12.85 10.99
N THR B 156 23.65 13.97 11.67
CA THR B 156 23.77 15.25 10.98
C THR B 156 25.20 15.77 11.12
N VAL B 157 25.66 16.43 10.07
CA VAL B 157 26.97 17.06 10.04
C VAL B 157 26.81 18.50 9.61
N SER B 158 27.45 19.41 10.34
CA SER B 158 27.57 20.80 9.90
C SER B 158 29.01 21.21 10.08
N TRP B 159 29.35 22.38 9.57
CA TRP B 159 30.68 22.95 9.73
C TRP B 159 30.60 24.30 10.39
N ASN B 160 31.45 24.53 11.39
CA ASN B 160 31.47 25.77 12.15
C ASN B 160 30.06 26.19 12.58
N SER B 161 29.35 25.22 13.17
CA SER B 161 28.00 25.42 13.67
C SER B 161 27.02 25.82 12.57
N GLY B 162 27.28 25.44 11.32
CA GLY B 162 26.40 25.78 10.23
C GLY B 162 26.72 27.08 9.52
N ALA B 163 27.79 27.78 9.94
CA ALA B 163 28.16 29.04 9.29
C ALA B 163 28.85 28.79 7.96
N LEU B 164 29.60 27.70 7.86
CA LEU B 164 30.25 27.31 6.63
C LEU B 164 29.30 26.38 5.86
N THR B 165 28.85 26.83 4.68
CA THR B 165 27.93 26.03 3.90
C THR B 165 28.41 25.87 2.47
N SER B 166 29.12 26.88 1.96
CA SER B 166 29.59 26.85 0.59
C SER B 166 30.64 25.76 0.43
N GLY B 167 30.48 24.95 -0.62
CA GLY B 167 31.42 23.89 -0.92
C GLY B 167 31.32 22.64 -0.05
N VAL B 168 30.31 22.53 0.80
CA VAL B 168 30.16 21.37 1.68
C VAL B 168 29.55 20.21 0.90
N HIS B 169 30.15 19.04 1.01
CA HIS B 169 29.55 17.81 0.51
C HIS B 169 29.55 16.79 1.64
N THR B 170 28.36 16.37 2.06
CA THR B 170 28.21 15.32 3.07
C THR B 170 27.67 14.09 2.38
N PHE B 171 28.45 13.02 2.40
CA PHE B 171 28.12 11.88 1.58
C PHE B 171 27.10 10.97 2.26
N PRO B 172 26.28 10.29 1.48
CA PRO B 172 25.34 9.32 2.06
C PRO B 172 26.11 8.23 2.78
N ALA B 173 25.54 7.76 3.89
CA ALA B 173 26.18 6.71 4.66
C ALA B 173 26.15 5.39 3.91
N VAL B 174 27.13 4.54 4.21
CA VAL B 174 27.21 3.19 3.70
C VAL B 174 26.97 2.23 4.85
N LEU B 175 26.00 1.32 4.70
CA LEU B 175 25.81 0.24 5.65
C LEU B 175 26.98 -0.72 5.53
N GLN B 176 27.79 -0.81 6.57
CA GLN B 176 28.92 -1.73 6.54
C GLN B 176 28.47 -3.15 6.87
N SER B 177 29.33 -4.11 6.53
CA SER B 177 29.05 -5.51 6.83
C SER B 177 28.99 -5.80 8.32
N SER B 178 29.56 -4.91 9.14
CA SER B 178 29.45 -5.02 10.59
C SER B 178 28.06 -4.65 11.12
N GLY B 179 27.19 -4.06 10.30
CA GLY B 179 25.91 -3.57 10.78
C GLY B 179 25.89 -2.10 11.15
N LEU B 180 27.05 -1.46 11.23
CA LEU B 180 27.20 -0.03 11.49
C LEU B 180 27.29 0.75 10.17
N TYR B 181 27.13 2.06 10.28
CA TYR B 181 27.17 2.99 9.17
C TYR B 181 28.42 3.83 9.24
N SER B 182 28.81 4.42 8.10
CA SER B 182 29.96 5.31 8.04
C SER B 182 29.75 6.29 6.89
N LEU B 183 30.19 7.52 7.09
CA LEU B 183 30.18 8.51 6.03
C LEU B 183 31.35 9.44 6.26
N SER B 184 31.62 10.26 5.26
CA SER B 184 32.52 11.38 5.42
C SER B 184 31.79 12.64 4.97
N SER B 185 32.29 13.77 5.46
CA SER B 185 31.84 15.09 5.03
C SER B 185 33.09 15.89 4.71
N VAL B 186 33.03 16.65 3.63
CA VAL B 186 34.17 17.41 3.17
C VAL B 186 33.75 18.83 2.81
N VAL B 187 34.73 19.70 2.74
CA VAL B 187 34.50 21.09 2.35
C VAL B 187 35.78 21.61 1.69
N THR B 188 35.60 22.45 0.69
CA THR B 188 36.71 23.17 0.07
C THR B 188 36.63 24.64 0.48
N VAL B 189 37.78 25.17 0.86
CA VAL B 189 37.88 26.52 1.44
C VAL B 189 39.10 27.15 0.76
N PRO B 190 39.32 28.45 0.89
CA PRO B 190 40.54 29.04 0.30
C PRO B 190 41.77 28.60 1.09
N SER B 191 42.79 28.15 0.37
CA SER B 191 44.04 27.76 1.02
C SER B 191 44.60 28.92 1.83
N SER B 192 44.38 30.17 1.40
CA SER B 192 44.83 31.33 2.16
C SER B 192 44.22 31.38 3.55
N SER B 193 43.11 30.69 3.79
CA SER B 193 42.45 30.74 5.09
C SER B 193 42.98 29.68 6.05
N LEU B 194 43.75 28.70 5.56
CA LEU B 194 44.38 27.71 6.43
C LEU B 194 45.47 28.40 7.25
N GLY B 195 45.41 28.24 8.57
CA GLY B 195 46.29 28.96 9.45
C GLY B 195 45.65 30.17 10.11
N THR B 196 44.56 30.67 9.54
CA THR B 196 43.87 31.83 10.09
C THR B 196 42.40 31.53 10.43
N GLN B 197 41.73 30.66 9.69
CA GLN B 197 40.37 30.26 10.00
C GLN B 197 40.37 28.89 10.65
N THR B 198 39.60 28.75 11.71
CA THR B 198 39.41 27.47 12.35
C THR B 198 38.24 26.74 11.70
N TYR B 199 38.41 25.42 11.52
CA TYR B 199 37.40 24.58 10.90
C TYR B 199 37.03 23.45 11.83
N ILE B 200 35.77 23.41 12.24
CA ILE B 200 35.23 22.40 13.14
C ILE B 200 34.05 21.74 12.45
N CYS B 201 34.04 20.42 12.39
CA CYS B 201 32.84 19.70 11.96
C CYS B 201 32.03 19.30 13.19
N ASN B 202 30.73 19.58 13.15
CA ASN B 202 29.81 19.36 14.25
C ASN B 202 28.96 18.12 13.91
N VAL B 203 29.22 17.02 14.59
CA VAL B 203 28.59 15.74 14.29
C VAL B 203 27.56 15.44 15.37
N ASN B 204 26.31 15.27 14.96
CA ASN B 204 25.19 15.06 15.87
C ASN B 204 24.56 13.71 15.55
N HIS B 205 24.55 12.82 16.54
CA HIS B 205 23.92 11.52 16.39
C HIS B 205 22.92 11.38 17.52
N LYS B 206 21.70 11.88 17.29
CA LYS B 206 20.63 11.84 18.29
C LYS B 206 20.30 10.44 18.82
N PRO B 207 20.22 9.38 18.01
CA PRO B 207 19.84 8.07 18.56
C PRO B 207 20.72 7.62 19.72
N SER B 208 21.96 8.08 19.78
CA SER B 208 22.85 7.74 20.89
C SER B 208 23.12 8.94 21.79
N ASN B 209 22.44 10.07 21.56
CA ASN B 209 22.63 11.28 22.35
C ASN B 209 24.10 11.72 22.40
N THR B 210 24.80 11.58 21.29
CA THR B 210 26.20 11.96 21.19
C THR B 210 26.38 13.11 20.20
N LYS B 211 27.21 14.07 20.60
CA LYS B 211 27.62 15.22 19.80
C LYS B 211 29.13 15.28 19.83
N VAL B 212 29.76 15.32 18.65
CA VAL B 212 31.19 15.48 18.53
C VAL B 212 31.49 16.75 17.75
N ASP B 213 32.38 17.57 18.28
CA ASP B 213 32.89 18.74 17.58
C ASP B 213 34.38 18.49 17.36
N LYS B 214 34.77 18.35 16.11
CA LYS B 214 36.14 17.97 15.76
C LYS B 214 36.76 19.12 14.98
N LYS B 215 37.85 19.67 15.50
CA LYS B 215 38.58 20.69 14.76
C LYS B 215 39.53 20.00 13.79
N VAL B 216 39.56 20.50 12.56
CA VAL B 216 40.34 19.93 11.48
C VAL B 216 41.40 20.96 11.11
N GLU B 217 42.66 20.62 11.36
CA GLU B 217 43.85 21.45 11.21
C GLU B 217 44.81 20.82 10.21
N PRO B 218 45.65 21.62 9.55
CA PRO B 218 46.78 21.04 8.82
C PRO B 218 47.71 20.26 9.76
N LYS B 219 48.24 19.16 9.26
CA LYS B 219 49.16 18.35 10.07
C LYS B 219 50.60 18.72 9.77
N GLN C 1 1.00 -9.70 -9.83
CA GLN C 1 1.15 -8.26 -9.65
C GLN C 1 1.20 -7.54 -11.01
N ILE C 2 0.59 -6.36 -11.07
CA ILE C 2 0.85 -5.44 -12.18
C ILE C 2 2.30 -4.99 -12.11
N VAL C 3 3.02 -5.13 -13.21
CA VAL C 3 4.40 -4.67 -13.29
C VAL C 3 4.42 -3.40 -14.14
N LEU C 4 5.00 -2.35 -13.59
CA LEU C 4 5.16 -1.07 -14.29
C LEU C 4 6.63 -0.87 -14.63
N SER C 5 6.93 -0.60 -15.91
CA SER C 5 8.28 -0.51 -16.44
C SER C 5 8.50 0.90 -16.98
N GLN C 6 9.39 1.65 -16.34
CA GLN C 6 9.69 3.02 -16.72
C GLN C 6 10.91 3.07 -17.62
N SER C 7 10.88 3.97 -18.60
CA SER C 7 12.06 4.20 -19.41
C SER C 7 12.11 5.67 -19.80
N PRO C 8 13.31 6.25 -19.86
CA PRO C 8 14.62 5.65 -19.52
C PRO C 8 14.85 5.51 -18.02
N LEU C 9 15.94 4.85 -17.61
CA LEU C 9 16.28 4.77 -16.20
C LEU C 9 16.75 6.12 -15.67
N SER C 10 17.56 6.83 -16.45
CA SER C 10 17.97 8.18 -16.13
C SER C 10 17.85 9.03 -17.37
N LEU C 11 17.56 10.31 -17.16
CA LEU C 11 17.27 11.23 -18.24
C LEU C 11 18.08 12.49 -17.99
N PRO C 12 19.22 12.66 -18.66
CA PRO C 12 19.90 13.96 -18.65
C PRO C 12 19.23 14.89 -19.65
N VAL C 13 18.91 16.10 -19.21
CA VAL C 13 18.18 17.07 -20.04
C VAL C 13 18.68 18.46 -19.69
N SER C 14 18.82 19.31 -20.71
CA SER C 14 19.24 20.69 -20.56
C SER C 14 18.08 21.55 -20.06
N LEU C 15 18.41 22.51 -19.19
CA LEU C 15 17.42 23.48 -18.76
C LEU C 15 16.72 24.09 -19.97
N GLY C 16 15.39 24.21 -19.90
CA GLY C 16 14.63 24.74 -21.01
C GLY C 16 14.18 23.72 -22.03
N ASP C 17 14.76 22.53 -22.03
CA ASP C 17 14.39 21.48 -22.97
C ASP C 17 13.22 20.66 -22.44
N GLN C 18 12.51 20.01 -23.35
CA GLN C 18 11.43 19.09 -23.00
C GLN C 18 12.01 17.78 -22.49
N ALA C 19 11.25 17.09 -21.64
CA ALA C 19 11.58 15.75 -21.19
C ALA C 19 10.34 14.86 -21.30
N SER C 20 10.57 13.59 -21.65
CA SER C 20 9.52 12.59 -21.85
C SER C 20 9.90 11.30 -21.13
N ILE C 21 9.01 10.81 -20.28
CA ILE C 21 9.24 9.62 -19.47
C ILE C 21 8.09 8.66 -19.74
N SER C 22 8.43 7.40 -19.96
CA SER C 22 7.49 6.36 -20.35
C SER C 22 7.22 5.42 -19.19
N CYS C 23 5.97 5.01 -19.04
CA CYS C 23 5.60 3.99 -18.07
C CYS C 23 4.72 2.96 -18.78
N ARG C 24 5.19 1.71 -18.86
CA ARG C 24 4.43 0.62 -19.46
C ARG C 24 3.94 -0.35 -18.40
N SER C 25 2.72 -0.85 -18.59
CA SER C 25 2.05 -1.71 -17.64
C SER C 25 1.92 -3.13 -18.21
N SER C 26 2.14 -4.13 -17.35
CA SER C 26 2.09 -5.52 -17.80
C SER C 26 0.68 -5.96 -18.15
N GLN C 27 -0.34 -5.27 -17.65
CA GLN C 27 -1.72 -5.49 -18.05
C GLN C 27 -2.41 -4.14 -18.12
N SER C 28 -3.59 -4.13 -18.73
CA SER C 28 -4.31 -2.88 -18.89
C SER C 28 -4.70 -2.32 -17.53
N LEU C 29 -4.59 -1.01 -17.40
CA LEU C 29 -4.96 -0.31 -16.18
C LEU C 29 -6.36 0.28 -16.25
N LEU C 30 -7.09 0.08 -17.37
CA LEU C 30 -8.48 0.48 -17.41
C LEU C 30 -9.26 -0.31 -16.38
N HIS C 31 -9.84 0.39 -15.40
CA HIS C 31 -10.71 -0.23 -14.42
C HIS C 31 -12.09 -0.47 -15.02
N SER C 32 -12.79 -1.46 -14.47
CA SER C 32 -14.16 -1.73 -14.91
C SER C 32 -15.10 -0.55 -14.71
N ASN C 33 -14.78 0.38 -13.79
CA ASN C 33 -15.66 1.54 -13.66
C ASN C 33 -15.43 2.59 -14.73
N GLY C 34 -14.50 2.35 -15.65
CA GLY C 34 -14.25 3.27 -16.73
C GLY C 34 -13.05 4.16 -16.54
N ASN C 35 -12.51 4.24 -15.33
CA ASN C 35 -11.36 5.08 -15.06
C ASN C 35 -10.07 4.26 -15.21
N THR C 36 -8.96 4.98 -15.28
CA THR C 36 -7.63 4.43 -15.51
C THR C 36 -6.70 5.04 -14.48
N TYR C 37 -6.33 4.25 -13.48
CA TYR C 37 -5.67 4.74 -12.27
C TYR C 37 -4.16 4.61 -12.41
N LEU C 38 -3.60 5.43 -13.30
CA LEU C 38 -2.17 5.58 -13.45
C LEU C 38 -1.80 7.01 -13.09
N HIS C 39 -0.79 7.17 -12.25
CA HIS C 39 -0.46 8.44 -11.61
C HIS C 39 1.04 8.65 -11.66
N TRP C 40 1.44 9.91 -11.58
CA TRP C 40 2.84 10.30 -11.65
C TRP C 40 3.24 11.10 -10.43
N TYR C 41 4.43 10.78 -9.89
CA TYR C 41 4.97 11.44 -8.72
C TYR C 41 6.38 11.92 -9.00
N LEU C 42 6.79 12.97 -8.28
CA LEU C 42 8.18 13.41 -8.28
C LEU C 42 8.69 13.35 -6.84
N GLN C 43 9.86 12.76 -6.64
CA GLN C 43 10.55 12.78 -5.35
C GLN C 43 11.85 13.56 -5.55
N LYS C 44 11.89 14.76 -4.97
CA LYS C 44 13.11 15.52 -4.93
C LYS C 44 14.04 14.95 -3.85
N PRO C 45 15.35 15.08 -4.04
CA PRO C 45 16.29 14.49 -3.07
C PRO C 45 16.02 14.96 -1.64
N GLY C 46 15.96 14.00 -0.72
CA GLY C 46 15.73 14.29 0.67
C GLY C 46 14.32 14.71 1.05
N GLN C 47 13.35 14.66 0.12
CA GLN C 47 11.95 14.99 0.40
C GLN C 47 11.04 13.78 0.23
N SER C 48 9.81 13.89 0.75
CA SER C 48 8.84 12.85 0.48
C SER C 48 8.31 13.07 -0.92
N PRO C 49 7.73 12.03 -1.55
CA PRO C 49 7.17 12.20 -2.89
C PRO C 49 6.01 13.20 -2.99
N LYS C 50 5.84 13.77 -4.17
CA LYS C 50 4.72 14.70 -4.46
C LYS C 50 3.96 14.21 -5.69
N LEU C 51 2.65 14.35 -5.65
CA LEU C 51 1.82 13.95 -6.80
C LEU C 51 1.90 15.00 -7.89
N LEU C 52 2.12 14.55 -9.11
CA LEU C 52 2.03 15.47 -10.24
C LEU C 52 0.74 15.29 -11.03
N ILE C 53 0.43 14.04 -11.43
CA ILE C 53 -0.65 13.72 -12.35
C ILE C 53 -1.38 12.52 -11.78
N TYR C 54 -2.71 12.60 -11.69
CA TYR C 54 -3.52 11.46 -11.30
C TYR C 54 -4.48 11.10 -12.43
N LYS C 55 -4.85 9.81 -12.49
CA LYS C 55 -5.59 9.21 -13.59
C LYS C 55 -5.12 9.72 -14.96
N VAL C 56 -3.90 9.34 -15.35
CA VAL C 56 -3.32 9.51 -16.68
C VAL C 56 -2.96 10.96 -17.00
N SER C 57 -3.92 11.88 -16.91
CA SER C 57 -3.72 13.22 -17.44
C SER C 57 -4.25 14.38 -16.59
N ASN C 58 -4.78 14.13 -15.38
CA ASN C 58 -5.26 15.22 -14.54
C ASN C 58 -4.10 15.80 -13.74
N ARG C 59 -3.77 17.05 -14.02
CA ARG C 59 -2.75 17.73 -13.22
C ARG C 59 -3.27 18.00 -11.83
N PHE C 60 -2.51 17.57 -10.81
CA PHE C 60 -2.89 17.83 -9.42
C PHE C 60 -2.88 19.32 -9.16
N SER C 61 -3.85 19.77 -8.35
CA SER C 61 -4.06 21.20 -8.18
C SER C 61 -2.81 21.84 -7.57
N GLY C 62 -2.28 22.87 -8.23
CA GLY C 62 -1.10 23.58 -7.80
C GLY C 62 0.18 23.17 -8.51
N VAL C 63 0.16 22.06 -9.23
CA VAL C 63 1.36 21.60 -9.94
C VAL C 63 1.57 22.48 -11.17
N PRO C 64 2.81 22.91 -11.44
CA PRO C 64 3.06 23.80 -12.59
C PRO C 64 2.58 23.19 -13.90
N ASP C 65 2.13 24.05 -14.81
CA ASP C 65 1.52 23.50 -16.02
C ASP C 65 2.55 22.98 -17.02
N ARG C 66 3.85 23.09 -16.75
CA ARG C 66 4.80 22.40 -17.62
C ARG C 66 4.67 20.88 -17.55
N PHE C 67 3.99 20.33 -16.53
CA PHE C 67 3.84 18.89 -16.36
C PHE C 67 2.53 18.44 -17.01
N SER C 68 2.59 17.41 -17.85
CA SER C 68 1.37 16.80 -18.38
C SER C 68 1.56 15.30 -18.55
N GLY C 69 0.43 14.57 -18.57
CA GLY C 69 0.45 13.14 -18.73
C GLY C 69 -0.53 12.69 -19.80
N SER C 70 -0.18 11.61 -20.48
CA SER C 70 -1.07 11.05 -21.49
C SER C 70 -0.88 9.54 -21.58
N GLY C 71 -1.78 8.90 -22.32
CA GLY C 71 -1.72 7.50 -22.66
C GLY C 71 -3.04 6.82 -22.43
N SER C 72 -3.02 5.50 -22.54
CA SER C 72 -4.18 4.67 -22.24
C SER C 72 -3.71 3.24 -22.22
N GLY C 73 -4.55 2.38 -21.65
CA GLY C 73 -4.32 0.95 -21.64
C GLY C 73 -3.10 0.51 -20.87
N THR C 74 -1.99 0.30 -21.59
CA THR C 74 -0.74 -0.13 -20.98
C THR C 74 0.42 0.82 -21.26
N ASP C 75 0.18 1.96 -21.91
CA ASP C 75 1.25 2.83 -22.38
C ASP C 75 0.98 4.28 -21.98
N PHE C 76 1.87 4.85 -21.17
CA PHE C 76 1.60 6.15 -20.59
C PHE C 76 2.87 6.97 -20.63
N THR C 77 2.72 8.30 -20.67
CA THR C 77 3.83 9.22 -20.86
C THR C 77 3.66 10.42 -19.93
N LEU C 78 4.72 10.76 -19.21
CA LEU C 78 4.84 12.06 -18.56
C LEU C 78 5.74 12.94 -19.41
N LYS C 79 5.32 14.18 -19.63
CA LYS C 79 6.12 15.15 -20.35
C LYS C 79 6.33 16.39 -19.49
N ILE C 80 7.55 16.87 -19.47
CA ILE C 80 7.90 18.17 -18.94
C ILE C 80 8.23 19.05 -20.13
N SER C 81 7.38 20.06 -20.37
CA SER C 81 7.50 20.81 -21.62
C SER C 81 8.78 21.63 -21.65
N ARG C 82 9.22 22.09 -20.49
CA ARG C 82 10.37 23.00 -20.40
C ARG C 82 10.97 22.81 -19.01
N VAL C 83 12.07 22.05 -18.95
CA VAL C 83 12.63 21.63 -17.67
C VAL C 83 13.18 22.83 -16.90
N GLU C 84 12.97 22.84 -15.59
CA GLU C 84 13.60 23.80 -14.71
C GLU C 84 14.54 23.09 -13.73
N ALA C 85 15.39 23.89 -13.08
CA ALA C 85 16.35 23.35 -12.13
C ALA C 85 15.66 22.60 -10.99
N GLU C 86 14.52 23.09 -10.52
CA GLU C 86 13.85 22.44 -9.40
C GLU C 86 13.24 21.09 -9.79
N ASP C 87 13.26 20.71 -11.07
CA ASP C 87 12.68 19.45 -11.51
C ASP C 87 13.64 18.28 -11.34
N LEU C 88 14.84 18.53 -10.84
CA LEU C 88 15.78 17.47 -10.51
C LEU C 88 15.18 16.52 -9.48
N GLY C 89 15.28 15.21 -9.74
CA GLY C 89 14.76 14.24 -8.81
C GLY C 89 14.32 12.98 -9.53
N VAL C 90 13.62 12.11 -8.79
CA VAL C 90 13.19 10.81 -9.30
C VAL C 90 11.69 10.86 -9.59
N TYR C 91 11.31 10.51 -10.82
CA TYR C 91 9.92 10.45 -11.24
C TYR C 91 9.45 9.00 -11.18
N PHE C 92 8.27 8.79 -10.59
CA PHE C 92 7.68 7.47 -10.44
C PHE C 92 6.28 7.47 -11.05
N CYS C 93 5.95 6.42 -11.77
CA CYS C 93 4.53 6.14 -12.04
C CYS C 93 4.03 5.14 -11.03
N SER C 94 2.72 5.13 -10.79
CA SER C 94 2.10 4.12 -9.95
C SER C 94 0.68 3.88 -10.41
N GLN C 95 0.17 2.69 -10.13
CA GLN C 95 -1.19 2.32 -10.51
C GLN C 95 -1.98 1.88 -9.28
N SER C 96 -3.27 2.21 -9.27
CA SER C 96 -4.19 1.80 -8.21
C SER C 96 -5.47 1.21 -8.78
N THR C 97 -5.40 0.70 -10.02
CA THR C 97 -6.51 -0.06 -10.60
C THR C 97 -6.67 -1.42 -9.92
N HIS C 98 -5.57 -2.14 -9.77
CA HIS C 98 -5.54 -3.47 -9.17
C HIS C 98 -4.78 -3.48 -7.84
N VAL C 99 -5.11 -4.46 -7.01
CA VAL C 99 -4.37 -4.77 -5.79
C VAL C 99 -3.38 -5.89 -6.09
N PRO C 100 -2.10 -5.79 -5.66
CA PRO C 100 -1.47 -4.68 -4.94
C PRO C 100 -1.28 -3.46 -5.84
N TYR C 101 -1.36 -2.28 -5.22
CA TYR C 101 -0.90 -1.06 -5.85
C TYR C 101 0.60 -1.15 -6.06
N THR C 102 1.07 -0.73 -7.22
CA THR C 102 2.47 -0.94 -7.55
C THR C 102 3.05 0.33 -8.15
N PHE C 103 4.37 0.48 -8.01
CA PHE C 103 5.11 1.60 -8.54
C PHE C 103 6.02 1.12 -9.65
N GLY C 104 6.30 2.01 -10.60
CA GLY C 104 7.44 1.82 -11.46
C GLY C 104 8.73 1.96 -10.67
N GLY C 105 9.84 1.64 -11.31
CA GLY C 105 11.08 1.69 -10.57
C GLY C 105 11.76 3.05 -10.50
N GLY C 106 11.19 4.07 -11.12
CA GLY C 106 11.78 5.41 -11.06
C GLY C 106 12.64 5.77 -12.27
N THR C 107 12.51 7.01 -12.73
CA THR C 107 13.42 7.64 -13.68
C THR C 107 14.10 8.81 -12.99
N LYS C 108 15.44 8.84 -13.02
CA LYS C 108 16.19 9.93 -12.41
C LYS C 108 16.39 11.02 -13.45
N LEU C 109 15.77 12.18 -13.23
CA LEU C 109 15.98 13.32 -14.12
C LEU C 109 17.24 14.03 -13.68
N GLU C 110 18.22 14.09 -14.57
CA GLU C 110 19.50 14.74 -14.30
C GLU C 110 19.60 16.01 -15.14
N ILE C 111 20.16 17.06 -14.56
CA ILE C 111 20.31 18.34 -15.27
C ILE C 111 21.64 18.31 -16.03
N LYS C 112 21.58 18.55 -17.34
CA LYS C 112 22.81 18.60 -18.13
C LYS C 112 23.61 19.87 -17.87
N ARG C 113 24.93 19.71 -17.87
CA ARG C 113 25.84 20.83 -17.75
C ARG C 113 27.09 20.48 -18.54
N THR C 114 28.00 21.43 -18.68
CA THR C 114 29.22 21.09 -19.41
C THR C 114 30.09 20.14 -18.59
N VAL C 115 30.92 19.39 -19.32
CA VAL C 115 31.83 18.44 -18.68
C VAL C 115 32.69 19.15 -17.64
N ALA C 116 32.90 18.50 -16.50
CA ALA C 116 33.74 19.05 -15.43
C ALA C 116 34.55 17.88 -14.89
N ALA C 117 35.85 17.92 -15.11
CA ALA C 117 36.71 16.85 -14.62
C ALA C 117 36.81 16.93 -13.10
N PRO C 118 36.87 15.81 -12.40
CA PRO C 118 36.97 15.89 -10.93
C PRO C 118 38.33 16.43 -10.50
N SER C 119 38.30 17.18 -9.42
CA SER C 119 39.49 17.40 -8.63
C SER C 119 39.66 16.22 -7.68
N VAL C 120 40.84 15.60 -7.71
CA VAL C 120 41.12 14.37 -6.98
C VAL C 120 42.03 14.73 -5.81
N PHE C 121 41.56 14.45 -4.60
CA PHE C 121 42.30 14.68 -3.38
C PHE C 121 42.34 13.39 -2.59
N ILE C 122 43.45 13.16 -1.88
CA ILE C 122 43.63 11.97 -1.06
C ILE C 122 43.96 12.39 0.37
N PHE C 123 43.44 11.65 1.35
CA PHE C 123 43.66 11.92 2.77
C PHE C 123 44.24 10.68 3.43
N PRO C 124 45.49 10.70 3.90
CA PRO C 124 46.01 9.59 4.73
C PRO C 124 45.19 9.45 6.01
N PRO C 125 45.24 8.29 6.67
CA PRO C 125 44.54 8.13 7.95
C PRO C 125 45.06 9.11 9.00
N SER C 126 44.16 9.49 9.90
CA SER C 126 44.56 10.32 11.02
C SER C 126 45.32 9.49 12.04
N ASP C 127 46.27 10.14 12.70
CA ASP C 127 46.99 9.49 13.78
C ASP C 127 46.03 8.97 14.85
N GLU C 128 44.96 9.71 15.10
CA GLU C 128 43.97 9.30 16.08
C GLU C 128 43.31 7.97 15.70
N GLN C 129 42.92 7.82 14.43
CA GLN C 129 42.36 6.52 14.02
C GLN C 129 43.42 5.43 14.07
N LEU C 130 44.65 5.73 13.65
CA LEU C 130 45.71 4.74 13.68
C LEU C 130 45.96 4.23 15.09
N LYS C 131 45.94 5.13 16.08
CA LYS C 131 46.07 4.73 17.48
C LYS C 131 45.11 3.61 17.86
N SER C 132 43.97 3.52 17.18
CA SER C 132 42.93 2.56 17.51
C SER C 132 43.05 1.23 16.77
N GLY C 133 43.97 1.09 15.82
CA GLY C 133 44.16 -0.17 15.13
C GLY C 133 43.57 -0.28 13.73
N THR C 134 42.96 0.78 13.20
CA THR C 134 42.53 0.77 11.81
C THR C 134 43.07 2.00 11.08
N ALA C 135 43.07 1.92 9.75
CA ALA C 135 43.56 2.99 8.91
C ALA C 135 42.60 3.15 7.74
N SER C 136 41.87 4.25 7.69
CA SER C 136 41.05 4.56 6.53
C SER C 136 41.77 5.62 5.69
N VAL C 137 41.98 5.31 4.42
CA VAL C 137 42.47 6.26 3.45
C VAL C 137 41.29 6.74 2.61
N VAL C 138 41.10 8.05 2.54
CA VAL C 138 39.99 8.62 1.80
C VAL C 138 40.50 9.24 0.51
N CYS C 139 39.81 8.94 -0.59
CA CYS C 139 40.04 9.52 -1.90
C CYS C 139 38.79 10.26 -2.33
N LEU C 140 38.96 11.53 -2.71
CA LEU C 140 37.82 12.41 -2.95
C LEU C 140 37.84 12.90 -4.39
N LEU C 141 36.77 12.61 -5.12
CA LEU C 141 36.54 13.17 -6.46
C LEU C 141 35.52 14.29 -6.31
N ASN C 142 35.94 15.53 -6.48
CA ASN C 142 35.08 16.67 -6.19
C ASN C 142 34.58 17.32 -7.47
N ASN C 143 33.27 17.60 -7.50
CA ASN C 143 32.65 18.56 -8.41
C ASN C 143 32.87 18.16 -9.88
N PHE C 144 32.44 16.94 -10.22
CA PHE C 144 32.62 16.45 -11.58
C PHE C 144 31.27 16.19 -12.26
N TYR C 145 31.29 16.19 -13.60
CA TYR C 145 30.14 15.87 -14.46
C TYR C 145 30.65 15.35 -15.82
N PRO C 146 30.07 14.30 -16.38
CA PRO C 146 28.95 13.48 -15.87
C PRO C 146 29.36 12.48 -14.80
N ARG C 147 28.37 11.76 -14.30
CA ARG C 147 28.53 10.93 -13.11
C ARG C 147 29.50 9.77 -13.31
N GLU C 148 29.55 9.18 -14.51
CA GLU C 148 30.37 7.99 -14.74
C GLU C 148 31.82 8.26 -14.33
N ALA C 149 32.36 7.42 -13.46
CA ALA C 149 33.73 7.56 -13.03
C ALA C 149 34.18 6.21 -12.50
N LYS C 150 35.47 5.93 -12.60
CA LYS C 150 36.03 4.70 -12.07
C LYS C 150 37.14 5.06 -11.09
N VAL C 151 37.11 4.45 -9.91
CA VAL C 151 38.07 4.74 -8.84
C VAL C 151 38.59 3.40 -8.35
N GLN C 152 39.90 3.21 -8.39
CA GLN C 152 40.52 2.02 -7.83
C GLN C 152 41.67 2.41 -6.92
N TRP C 153 42.00 1.50 -6.00
CA TRP C 153 43.06 1.69 -5.03
C TRP C 153 44.23 0.77 -5.35
N LYS C 154 45.42 1.31 -5.20
CA LYS C 154 46.63 0.49 -5.29
C LYS C 154 47.51 0.82 -4.11
N VAL C 155 48.18 -0.21 -3.62
CA VAL C 155 49.05 -0.11 -2.46
C VAL C 155 50.35 -0.79 -2.89
N ASP C 156 51.42 0.00 -2.99
CA ASP C 156 52.66 -0.45 -3.63
C ASP C 156 52.37 -1.14 -4.96
N ASN C 157 51.49 -0.53 -5.74
CA ASN C 157 51.15 -0.91 -7.10
C ASN C 157 50.36 -2.20 -7.18
N ALA C 158 49.83 -2.71 -6.07
CA ALA C 158 48.96 -3.89 -6.08
C ALA C 158 47.52 -3.45 -5.96
N LEU C 159 46.70 -3.86 -6.93
CA LEU C 159 45.29 -3.51 -6.90
C LEU C 159 44.62 -4.09 -5.67
N GLN C 160 43.68 -3.34 -5.10
CA GLN C 160 43.00 -3.70 -3.87
C GLN C 160 41.57 -4.13 -4.19
N SER C 161 41.12 -5.20 -3.58
CA SER C 161 39.74 -5.63 -3.70
C SER C 161 39.23 -6.06 -2.34
N GLY C 162 37.93 -5.85 -2.11
CA GLY C 162 37.27 -6.30 -0.91
C GLY C 162 37.46 -5.42 0.30
N ASN C 163 38.21 -4.31 0.20
CA ASN C 163 38.52 -3.50 1.38
C ASN C 163 38.24 -2.01 1.16
N SER C 164 37.37 -1.67 0.23
CA SER C 164 37.04 -0.27 -0.03
C SER C 164 35.55 -0.13 -0.31
N GLN C 165 35.03 1.06 -0.02
CA GLN C 165 33.64 1.37 -0.27
C GLN C 165 33.55 2.79 -0.85
N GLU C 166 32.46 3.05 -1.56
CA GLU C 166 32.35 4.27 -2.32
C GLU C 166 30.97 4.90 -2.08
N SER C 167 30.93 6.23 -2.08
CA SER C 167 29.66 6.93 -1.91
C SER C 167 29.62 8.14 -2.85
N VAL C 168 28.46 8.41 -3.43
CA VAL C 168 28.25 9.48 -4.39
C VAL C 168 27.17 10.42 -3.88
N THR C 169 27.41 11.73 -3.98
CA THR C 169 26.33 12.63 -3.63
C THR C 169 25.29 12.67 -4.75
N GLU C 170 24.09 13.13 -4.40
CA GLU C 170 23.11 13.50 -5.41
C GLU C 170 23.64 14.69 -6.23
N GLN C 171 23.04 14.90 -7.39
CA GLN C 171 23.47 16.01 -8.23
C GLN C 171 23.25 17.34 -7.52
N ASP C 172 24.26 18.19 -7.49
CA ASP C 172 24.17 19.44 -6.74
C ASP C 172 23.16 20.40 -7.39
N SER C 173 22.37 21.06 -6.54
CA SER C 173 21.30 21.92 -7.04
C SER C 173 21.81 23.24 -7.62
N LYS C 174 23.01 23.68 -7.23
CA LYS C 174 23.56 24.95 -7.67
C LYS C 174 24.38 24.82 -8.96
N ASP C 175 25.28 23.84 -9.02
CA ASP C 175 26.19 23.73 -10.15
C ASP C 175 26.09 22.40 -10.89
N SER C 176 25.16 21.52 -10.47
CA SER C 176 24.79 20.30 -11.17
C SER C 176 25.92 19.29 -11.24
N THR C 177 26.94 19.40 -10.40
CA THR C 177 28.02 18.42 -10.38
C THR C 177 27.71 17.30 -9.38
N TYR C 178 28.56 16.27 -9.42
CA TYR C 178 28.60 15.20 -8.43
C TYR C 178 29.92 15.27 -7.67
N SER C 179 29.92 14.66 -6.50
CA SER C 179 31.14 14.43 -5.76
C SER C 179 31.12 12.98 -5.28
N LEU C 180 32.31 12.40 -5.13
CA LEU C 180 32.39 10.99 -4.80
C LEU C 180 33.54 10.78 -3.82
N SER C 181 33.30 9.93 -2.82
CA SER C 181 34.36 9.53 -1.90
C SER C 181 34.57 8.04 -2.05
N SER C 182 35.82 7.62 -1.92
CA SER C 182 36.19 6.21 -1.89
C SER C 182 37.08 6.01 -0.67
N THR C 183 36.72 5.05 0.17
CA THR C 183 37.42 4.88 1.44
C THR C 183 38.02 3.50 1.48
N LEU C 184 39.35 3.45 1.58
CA LEU C 184 40.10 2.22 1.74
C LEU C 184 40.37 1.97 3.22
N THR C 185 39.96 0.81 3.73
CA THR C 185 40.15 0.52 5.15
C THR C 185 41.05 -0.68 5.31
N LEU C 186 42.21 -0.46 5.95
CA LEU C 186 43.18 -1.50 6.25
C LEU C 186 43.34 -1.61 7.76
N SER C 187 43.82 -2.75 8.20
CA SER C 187 44.31 -2.83 9.57
C SER C 187 45.55 -1.95 9.72
N LYS C 188 45.82 -1.53 10.96
CA LYS C 188 46.99 -0.70 11.20
C LYS C 188 48.27 -1.43 10.84
N ALA C 189 48.34 -2.72 11.18
CA ALA C 189 49.52 -3.51 10.85
C ALA C 189 49.74 -3.56 9.35
N ASP C 190 48.70 -3.91 8.58
CA ASP C 190 48.83 -3.92 7.12
C ASP C 190 49.23 -2.55 6.58
N TYR C 191 48.67 -1.49 7.15
CA TYR C 191 48.98 -0.14 6.68
C TYR C 191 50.45 0.19 6.84
N GLU C 192 51.02 -0.17 7.99
CA GLU C 192 52.41 0.22 8.25
C GLU C 192 53.41 -0.70 7.56
N LYS C 193 52.96 -1.72 6.84
CA LYS C 193 53.81 -2.56 6.01
C LYS C 193 54.06 -1.99 4.61
N HIS C 194 53.39 -0.91 4.21
CA HIS C 194 53.48 -0.45 2.83
C HIS C 194 53.81 1.03 2.79
N LYS C 195 54.29 1.45 1.63
CA LYS C 195 54.80 2.81 1.43
C LYS C 195 53.84 3.68 0.60
N VAL C 196 53.50 3.25 -0.61
CA VAL C 196 52.77 4.08 -1.56
C VAL C 196 51.28 3.74 -1.48
N TYR C 197 50.45 4.74 -1.27
CA TYR C 197 49.00 4.60 -1.30
C TYR C 197 48.45 5.46 -2.42
N ALA C 198 47.74 4.83 -3.36
CA ALA C 198 47.41 5.49 -4.63
C ALA C 198 45.94 5.33 -4.94
N CYS C 199 45.33 6.43 -5.35
CA CYS C 199 43.97 6.46 -5.86
C CYS C 199 44.06 6.74 -7.37
N GLU C 200 43.46 5.86 -8.18
CA GLU C 200 43.50 6.01 -9.64
C GLU C 200 42.12 6.31 -10.19
N VAL C 201 41.95 7.49 -10.79
CA VAL C 201 40.64 7.98 -11.20
C VAL C 201 40.58 8.01 -12.73
N THR C 202 39.50 7.49 -13.30
CA THR C 202 39.19 7.64 -14.72
C THR C 202 37.88 8.40 -14.88
N HIS C 203 37.90 9.43 -15.70
CA HIS C 203 36.72 10.21 -16.02
C HIS C 203 36.93 10.83 -17.40
N GLN C 204 35.85 10.98 -18.15
CA GLN C 204 35.97 11.47 -19.53
C GLN C 204 36.43 12.93 -19.58
N GLY C 205 36.29 13.69 -18.49
CA GLY C 205 36.85 15.03 -18.43
C GLY C 205 38.36 15.07 -18.26
N LEU C 206 38.99 13.93 -18.01
CA LEU C 206 40.42 13.85 -17.84
C LEU C 206 41.09 13.37 -19.11
N SER C 207 42.26 13.92 -19.43
CA SER C 207 42.94 13.49 -20.65
C SER C 207 43.46 12.06 -20.54
N SER C 208 43.65 11.56 -19.32
CA SER C 208 44.03 10.18 -19.07
C SER C 208 43.82 9.89 -17.59
N PRO C 209 43.77 8.61 -17.19
CA PRO C 209 43.52 8.31 -15.77
C PRO C 209 44.55 8.97 -14.86
N VAL C 210 44.06 9.55 -13.76
CA VAL C 210 44.89 10.26 -12.79
C VAL C 210 45.13 9.37 -11.58
N THR C 211 46.40 9.20 -11.23
CA THR C 211 46.78 8.49 -10.01
C THR C 211 47.20 9.52 -8.98
N LYS C 212 46.48 9.59 -7.87
CA LYS C 212 46.80 10.47 -6.75
C LYS C 212 47.33 9.60 -5.62
N SER C 213 48.50 9.95 -5.08
CA SER C 213 49.21 9.06 -4.19
C SER C 213 49.94 9.85 -3.12
N PHE C 214 50.23 9.18 -2.00
CA PHE C 214 51.15 9.68 -0.99
C PHE C 214 52.03 8.52 -0.51
N ASN C 215 53.12 8.88 0.17
CA ASN C 215 53.99 7.91 0.84
C ASN C 215 53.75 7.96 2.33
N ARG C 216 53.49 6.81 2.94
CA ARG C 216 53.08 6.76 4.35
C ARG C 216 53.98 7.61 5.24
N GLY C 217 55.29 7.48 5.11
CA GLY C 217 56.20 8.22 5.97
C GLY C 217 56.04 9.73 5.87
N GLU C 218 55.77 10.23 4.68
CA GLU C 218 55.78 11.67 4.41
C GLU C 218 54.42 12.33 4.59
MN MN D . -36.43 -19.05 -3.36
MN MN E . -35.03 -19.90 0.07
C1 E4Z F . -36.30 -22.49 -0.58
N1 E4Z F . -37.56 -23.71 -2.74
O1 E4Z F . -35.50 -22.06 0.26
C2 E4Z F . -36.66 -23.83 -0.53
O2 E4Z F . -36.06 -20.59 -1.90
O3 E4Z F . -37.08 -20.55 -4.49
C4 E4Z F . -37.16 -22.36 -2.90
O4 E4Z F . -36.40 -24.12 -6.97
C5 E4Z F . -36.61 -21.71 -1.79
C6 E4Z F . -37.28 -21.73 -4.27
C7 E4Z F . -37.96 -23.94 -5.14
C13 E4Z F . -40.85 -26.17 -4.32
C14 E4Z F . -39.92 -27.01 -3.48
C15 E4Z F . -40.48 -25.15 -1.32
C16 E4Z F . -40.24 -24.01 -2.11
C17 E4Z F . -40.91 -25.01 -0.01
C18 E4Z F . -41.11 -23.74 0.53
C19 E4Z F . -40.87 -22.62 -0.25
C20 E4Z F . -40.44 -22.75 -1.56
C21 E4Z F . -41.65 -24.05 -5.14
C22 E4Z F . -42.59 -24.69 -5.92
C23 E4Z F . -42.66 -26.07 -5.89
C24 E4Z F . -41.80 -26.81 -5.10
F2 E4Z F . -43.57 -26.72 -6.63
C12 E4Z F . -40.77 -24.78 -4.34
F1 E4Z F . -41.88 -28.14 -5.11
S3 E4Z F . -40.30 -26.78 -1.77
C11 E4Z F . -39.77 -24.00 -3.54
N2 E4Z F . -38.32 -24.35 -3.76
C8 E4Z F . -36.65 -24.55 -5.62
C9 E4Z F . -36.53 -22.72 -7.24
C10 E4Z F . -37.84 -22.17 -6.67
N3 E4Z F . -37.70 -22.51 -5.27
C3 E4Z F . -37.20 -24.42 -1.66
#